data_5LWG
#
_entry.id   5LWG
#
_cell.length_a   1.000
_cell.length_b   1.000
_cell.length_c   1.000
_cell.angle_alpha   90.00
_cell.angle_beta   90.00
_cell.angle_gamma   90.00
#
_symmetry.space_group_name_H-M   'P 1'
#
loop_
_entity.id
_entity.type
_entity.pdbx_description
1 polymer VP1
2 polymer VP3
3 polymer VP2
4 polymer VP4
#
loop_
_entity_poly.entity_id
_entity_poly.type
_entity_poly.pdbx_seq_one_letter_code
_entity_poly.pdbx_strand_id
1 'polypeptide(L)'
;INIGNKTNENVISFFDSTDAETQNHNALMKGCGEFIVNLRTLLRTFRTITDNWILQANTKTPITDLTNTTDAQGRDYMSY
LSYLYRFYRGGRRYKFFNTTPLKQSQTCYIRSFLIPRNYSADEINVDGPSHITYPVINPVHEVEVPFYSQYRKIPIASTS
DKGYDSSLMYFSNTATTQIVARAGNDDFTFGWMIGPPQLQGESRSVAP
;
A
2 'polypeptide(L)'
;SKPRNQQQVCPLQNVPAWGYSLYKGIDMSVPLAYDPNNELGDLKDVFPSAVDEMAIGYVCGNPAVKHVLTWKTTDAIQKP
IANGDDWGGVIPVGMPCYSKSIRTTRISATENRETEVMDAAPCEYVANMFSYWRATMCYRITVVKTAFHTGRLEIFFEPG
VIPVKPTVNNIGPDQDRLTGAVAPSDNNYKYILDLTNDTEVTIRVPFVSNKMFLKTAGIYGANSENNWNFHESFSGFLCI
RPVTKLMAPDTVSDNVSIVVWKWAEDVVVVEPKPLTSGPTQVYRPPPTASTAVEVLNVEL
;
C
3 'polypeptide(L)'
;NVHNTELASSTSENSVETQEITTFHDVETPNRIDTPMAQDTSSARNMDDTHSIIQFLQRPVLIDNIEIIAGTTADANKPL
SRYVLDQQNSQKYVRSWTLPSTVLRAGGKAQKLANFKYLRCDVQVKLVLNANPFVAGRMYLAYSPYDDKVDTARSVLQTS
RAGVTGYPGVELDFQLDNSVEMTIPYASFQEAYDLVTGTEDFVQLYLFPITPVLGPKSESESSKVDISVYMWLSNISLVI
PTYRINP
;
B
4 'polypeptide(L)' TSENPKIGPISEVASGVKTTANGIERIPVIGEIAKPVTTAVKWFADVVGTVAAIFGW D
#
# COMPACT_ATOMS: atom_id res chain seq x y z
N ILE A 1 -3.28 -40.76 15.31
CA ILE A 1 -2.79 -39.73 16.28
C ILE A 1 -1.25 -39.69 16.19
N ASN A 2 -0.77 -39.50 14.96
CA ASN A 2 0.67 -39.43 14.72
C ASN A 2 1.23 -38.09 15.18
N ILE A 3 2.55 -37.99 15.18
CA ILE A 3 3.24 -36.82 15.66
C ILE A 3 3.61 -35.96 14.46
N GLY A 4 3.28 -34.67 14.52
CA GLY A 4 3.65 -33.70 13.48
C GLY A 4 2.58 -32.68 13.20
N ASN A 5 2.99 -31.42 13.04
CA ASN A 5 2.04 -30.33 12.80
C ASN A 5 1.43 -30.42 11.40
N LYS A 6 0.27 -29.80 11.25
CA LYS A 6 -0.55 -29.96 10.06
C LYS A 6 -1.23 -28.67 9.65
N THR A 7 -2.24 -28.82 8.79
CA THR A 7 -2.67 -27.84 7.80
C THR A 7 -4.21 -27.84 7.81
N ASN A 8 -4.85 -27.99 6.64
CA ASN A 8 -6.28 -28.31 6.45
C ASN A 8 -7.23 -27.37 7.17
N GLU A 9 -7.19 -26.11 6.75
CA GLU A 9 -7.75 -25.02 7.53
C GLU A 9 -9.25 -25.12 7.59
N ASN A 10 -9.81 -24.86 8.77
CA ASN A 10 -11.21 -25.09 9.04
C ASN A 10 -11.90 -23.74 9.10
N VAL A 11 -12.43 -23.33 7.96
CA VAL A 11 -13.19 -22.10 7.88
C VAL A 11 -14.54 -22.35 8.52
N ILE A 12 -14.81 -21.66 9.63
CA ILE A 12 -16.11 -21.75 10.30
C ILE A 12 -16.77 -20.37 10.26
N SER A 13 -18.07 -20.35 9.99
CA SER A 13 -18.84 -19.13 10.01
C SER A 13 -19.92 -19.26 11.08
N PHE A 14 -19.86 -18.39 12.08
CA PHE A 14 -20.93 -18.31 13.07
C PHE A 14 -22.19 -17.71 12.43
N PHE A 15 -23.31 -17.87 13.12
CA PHE A 15 -24.58 -17.17 12.84
C PHE A 15 -25.11 -17.45 11.44
N ASP A 16 -25.63 -18.65 11.24
CA ASP A 16 -26.24 -19.02 9.95
C ASP A 16 -27.54 -18.25 9.68
N SER A 17 -27.41 -16.98 9.34
CA SER A 17 -28.58 -16.11 9.19
C SER A 17 -29.08 -16.01 7.75
N THR A 18 -28.31 -15.35 6.91
CA THR A 18 -28.71 -14.99 5.53
C THR A 18 -27.42 -14.54 4.84
N ASP A 19 -27.29 -14.80 3.54
CA ASP A 19 -26.12 -14.35 2.77
C ASP A 19 -25.97 -12.85 2.85
N ALA A 20 -24.75 -12.40 3.17
CA ALA A 20 -24.50 -11.04 3.62
C ALA A 20 -24.68 -9.99 2.52
N GLU A 21 -24.44 -10.39 1.28
CA GLU A 21 -24.58 -9.47 0.14
C GLU A 21 -26.04 -9.05 -0.10
N THR A 22 -26.99 -9.81 0.42
CA THR A 22 -28.39 -9.38 0.44
C THR A 22 -28.65 -8.43 1.59
N GLN A 23 -28.05 -8.69 2.74
CA GLN A 23 -28.24 -7.83 3.91
C GLN A 23 -27.57 -6.48 3.77
N ASN A 24 -26.45 -6.40 3.06
CA ASN A 24 -25.79 -5.11 2.83
C ASN A 24 -26.60 -4.24 1.89
N HIS A 25 -27.12 -4.82 0.82
CA HIS A 25 -27.91 -4.09 -0.15
C HIS A 25 -29.22 -3.60 0.45
N ASN A 26 -29.76 -4.36 1.40
CA ASN A 26 -30.99 -4.00 2.09
C ASN A 26 -30.73 -2.96 3.20
N ALA A 27 -29.47 -2.80 3.61
CA ALA A 27 -29.11 -1.82 4.62
C ALA A 27 -28.68 -0.48 4.06
N LEU A 28 -28.40 -0.42 2.76
CA LEU A 28 -28.03 0.84 2.11
C LEU A 28 -29.17 1.47 1.33
N MET A 29 -30.29 0.76 1.19
CA MET A 29 -31.51 1.37 0.71
C MET A 29 -32.22 2.15 1.82
N LYS A 30 -31.80 1.97 3.07
CA LYS A 30 -32.45 2.61 4.21
C LYS A 30 -31.57 3.55 5.03
N GLY A 31 -30.25 3.49 4.87
CA GLY A 31 -29.34 4.32 5.65
C GLY A 31 -28.38 5.21 4.86
N CYS A 32 -28.09 4.87 3.60
CA CYS A 32 -27.17 5.67 2.79
C CYS A 32 -27.83 6.32 1.60
N GLY A 33 -28.36 5.48 0.71
CA GLY A 33 -28.73 5.93 -0.64
C GLY A 33 -27.57 5.95 -1.61
N GLU A 34 -26.39 5.50 -1.17
CA GLU A 34 -25.19 5.45 -2.01
C GLU A 34 -24.34 4.28 -1.56
N PHE A 35 -23.50 3.77 -2.47
CA PHE A 35 -22.76 2.53 -2.25
C PHE A 35 -21.32 2.72 -2.70
N ILE A 36 -20.44 3.06 -1.75
CA ILE A 36 -19.05 3.36 -2.05
C ILE A 36 -18.27 2.05 -2.21
N VAL A 37 -17.92 1.72 -3.45
CA VAL A 37 -17.26 0.47 -3.77
C VAL A 37 -15.75 0.62 -3.76
N ASN A 38 -15.26 1.61 -4.51
CA ASN A 38 -13.87 1.71 -4.85
C ASN A 38 -13.28 2.96 -4.18
N LEU A 39 -12.03 2.86 -3.74
CA LEU A 39 -11.35 4.00 -3.16
C LEU A 39 -10.80 4.96 -4.21
N ARG A 40 -10.78 4.54 -5.48
CA ARG A 40 -10.36 5.41 -6.58
C ARG A 40 -11.31 6.57 -6.76
N THR A 41 -12.59 6.36 -6.48
CA THR A 41 -13.58 7.41 -6.62
C THR A 41 -13.47 8.48 -5.54
N LEU A 42 -12.76 8.19 -4.46
CA LEU A 42 -12.48 9.21 -3.46
C LEU A 42 -11.29 10.10 -3.82
N LEU A 43 -10.59 9.77 -4.90
CA LEU A 43 -9.56 10.64 -5.44
C LEU A 43 -10.11 11.65 -6.44
N ARG A 44 -11.42 11.61 -6.69
CA ARG A 44 -12.06 12.53 -7.63
C ARG A 44 -12.94 13.55 -6.92
N THR A 45 -13.07 13.43 -5.60
CA THR A 45 -13.80 14.38 -4.80
C THR A 45 -12.81 15.39 -4.23
N PHE A 46 -13.15 16.67 -4.34
CA PHE A 46 -12.26 17.72 -3.87
C PHE A 46 -12.35 17.85 -2.35
N ARG A 47 -11.24 17.62 -1.66
CA ARG A 47 -11.13 17.86 -0.23
C ARG A 47 -10.10 18.94 0.01
N THR A 48 -10.39 19.83 0.95
CA THR A 48 -9.55 20.99 1.17
C THR A 48 -8.27 20.60 1.90
N ILE A 49 -7.13 21.03 1.37
CA ILE A 49 -5.83 20.73 1.97
C ILE A 49 -5.32 21.84 2.87
N THR A 50 -5.85 23.05 2.72
CA THR A 50 -5.53 24.15 3.61
C THR A 50 -6.74 25.06 3.71
N ASP A 51 -6.71 25.94 4.70
CA ASP A 51 -7.78 26.92 4.92
C ASP A 51 -7.33 28.38 4.81
N ASN A 52 -6.03 28.63 4.91
CA ASN A 52 -5.51 29.98 4.82
C ASN A 52 -4.10 29.89 4.23
N TRP A 53 -4.03 30.00 2.91
CA TRP A 53 -2.76 29.95 2.20
C TRP A 53 -2.37 31.36 1.79
N ILE A 54 -1.58 32.01 2.64
CA ILE A 54 -1.27 33.43 2.50
C ILE A 54 -0.11 33.58 1.55
N LEU A 55 -0.26 34.45 0.55
CA LEU A 55 0.78 34.74 -0.43
C LEU A 55 1.05 36.22 -0.53
N GLN A 56 2.16 36.56 -1.20
CA GLN A 56 2.53 37.94 -1.43
C GLN A 56 2.30 38.34 -2.88
N ALA A 57 2.18 39.64 -3.09
CA ALA A 57 1.88 40.20 -4.41
C ALA A 57 3.10 40.09 -5.32
N ASN A 58 2.84 39.75 -6.59
CA ASN A 58 3.86 39.61 -7.64
C ASN A 58 4.95 38.61 -7.25
N THR A 59 4.53 37.37 -7.03
CA THR A 59 5.43 36.29 -6.66
C THR A 59 4.92 35.00 -7.26
N LYS A 60 5.69 34.44 -8.18
CA LYS A 60 5.35 33.16 -8.79
C LYS A 60 5.60 32.05 -7.77
N THR A 61 4.54 31.38 -7.34
CA THR A 61 4.63 30.39 -6.29
C THR A 61 4.26 29.02 -6.82
N PRO A 62 5.18 28.05 -6.78
CA PRO A 62 4.79 26.67 -7.13
C PRO A 62 3.88 26.06 -6.06
N ILE A 63 3.04 25.13 -6.47
CA ILE A 63 2.23 24.38 -5.51
C ILE A 63 3.03 23.41 -4.66
N THR A 64 4.27 23.12 -5.05
CA THR A 64 5.15 22.28 -4.26
C THR A 64 5.76 23.02 -3.06
N ASP A 65 5.45 24.30 -2.89
CA ASP A 65 5.69 24.98 -1.63
C ASP A 65 4.58 24.73 -0.62
N LEU A 66 3.43 24.26 -1.10
CA LEU A 66 2.31 23.85 -0.24
C LEU A 66 2.13 22.33 -0.16
N THR A 67 2.19 21.66 -1.30
CA THR A 67 1.98 20.22 -1.38
C THR A 67 3.05 19.44 -0.63
N ASN A 68 4.30 19.92 -0.67
CA ASN A 68 5.38 19.26 0.07
C ASN A 68 5.23 19.36 1.59
N THR A 69 4.45 20.31 2.07
CA THR A 69 4.15 20.39 3.49
C THR A 69 2.97 19.48 3.88
N THR A 70 1.98 19.37 2.98
CA THR A 70 0.74 18.66 3.30
C THR A 70 0.66 17.23 2.77
N ASP A 71 1.67 16.76 2.04
CA ASP A 71 1.73 15.33 1.71
C ASP A 71 2.02 14.48 2.93
N ALA A 72 2.82 15.00 3.85
CA ALA A 72 3.19 14.25 5.05
C ALA A 72 2.04 14.12 6.05
N GLN A 73 1.07 15.04 6.01
CA GLN A 73 0.05 15.12 7.05
C GLN A 73 -1.00 14.03 6.93
N GLY A 74 -1.45 13.76 5.70
CA GLY A 74 -2.49 12.77 5.47
C GLY A 74 -3.89 13.27 5.77
N ARG A 75 -4.14 14.57 5.61
CA ARG A 75 -5.44 15.16 5.93
C ARG A 75 -6.49 14.81 4.87
N ASP A 76 -6.24 15.18 3.62
CA ASP A 76 -7.20 14.89 2.54
C ASP A 76 -7.04 13.44 2.07
N TYR A 77 -7.76 13.07 1.03
CA TYR A 77 -7.72 11.69 0.57
C TYR A 77 -6.54 11.33 -0.29
N MET A 78 -5.98 12.29 -1.03
CA MET A 78 -4.79 12.01 -1.84
C MET A 78 -3.52 11.88 -1.02
N SER A 79 -3.52 12.38 0.21
CA SER A 79 -2.36 12.22 1.08
C SER A 79 -2.55 11.19 2.18
N TYR A 80 -3.78 10.73 2.40
CA TYR A 80 -4.05 9.68 3.37
C TYR A 80 -4.00 8.31 2.70
N LEU A 81 -4.56 8.22 1.49
CA LEU A 81 -4.51 6.99 0.72
C LEU A 81 -3.16 6.75 0.08
N SER A 82 -2.30 7.76 0.01
CA SER A 82 -0.99 7.58 -0.60
C SER A 82 -0.04 6.80 0.30
N TYR A 83 -0.35 6.69 1.58
CA TYR A 83 0.45 5.89 2.50
C TYR A 83 0.21 4.39 2.36
N LEU A 84 -0.84 3.99 1.66
CA LEU A 84 -1.06 2.58 1.36
C LEU A 84 -0.37 2.13 0.06
N TYR A 85 0.08 3.08 -0.75
CA TYR A 85 0.56 2.77 -2.10
C TYR A 85 1.94 3.36 -2.30
N ARG A 86 2.58 2.93 -3.37
CA ARG A 86 3.95 3.34 -3.62
C ARG A 86 4.14 4.08 -4.94
N PHE A 87 3.22 3.91 -5.88
CA PHE A 87 3.24 4.62 -7.15
C PHE A 87 1.99 5.46 -7.35
N TYR A 88 2.05 6.37 -8.33
CA TYR A 88 0.85 7.01 -8.84
C TYR A 88 1.00 7.30 -10.32
N ARG A 89 -0.05 7.86 -10.90
CA ARG A 89 -0.18 8.07 -12.33
C ARG A 89 -1.35 9.00 -12.55
N GLY A 90 -1.21 9.93 -13.49
CA GLY A 90 -2.30 10.81 -13.90
C GLY A 90 -2.17 12.21 -13.37
N GLY A 91 -2.98 13.09 -13.94
CA GLY A 91 -2.96 14.49 -13.57
C GLY A 91 -3.71 14.77 -12.29
N ARG A 92 -3.65 16.03 -11.87
CA ARG A 92 -4.31 16.47 -10.65
C ARG A 92 -5.10 17.74 -10.94
N ARG A 93 -6.17 17.93 -10.17
CA ARG A 93 -7.00 19.12 -10.27
C ARG A 93 -6.87 19.96 -9.02
N TYR A 94 -7.17 21.25 -9.14
CA TYR A 94 -7.08 22.19 -8.04
C TYR A 94 -8.25 23.16 -8.10
N LYS A 95 -8.66 23.65 -6.94
CA LYS A 95 -9.58 24.78 -6.85
C LYS A 95 -9.05 25.75 -5.82
N PHE A 96 -9.16 27.03 -6.13
CA PHE A 96 -8.61 28.10 -5.33
C PHE A 96 -9.72 29.05 -4.92
N PHE A 97 -10.35 28.77 -3.80
CA PHE A 97 -11.44 29.58 -3.30
C PHE A 97 -10.84 30.85 -2.67
N ASN A 98 -11.33 32.01 -3.09
CA ASN A 98 -10.78 33.27 -2.63
C ASN A 98 -11.31 33.61 -1.24
N THR A 99 -10.41 34.06 -0.35
CA THR A 99 -10.78 34.56 0.96
C THR A 99 -10.02 35.85 1.31
N THR A 100 -9.84 36.71 0.32
CA THR A 100 -9.02 37.91 0.49
C THR A 100 -9.90 39.11 0.79
N PRO A 101 -9.51 39.97 1.75
CA PRO A 101 -10.18 41.27 1.86
C PRO A 101 -9.78 42.22 0.71
N LEU A 102 -10.43 42.02 -0.44
CA LEU A 102 -10.04 42.72 -1.68
C LEU A 102 -10.42 44.19 -1.65
N LYS A 103 -9.68 44.97 -2.44
CA LYS A 103 -9.99 46.37 -2.68
C LYS A 103 -10.66 46.53 -4.04
N GLN A 104 -11.49 47.55 -4.13
CA GLN A 104 -12.15 47.87 -5.39
C GLN A 104 -11.26 48.68 -6.33
N SER A 105 -10.37 49.48 -5.75
CA SER A 105 -9.46 50.34 -6.53
C SER A 105 -8.30 49.62 -7.23
N GLN A 106 -8.29 48.29 -7.24
CA GLN A 106 -7.36 47.50 -8.03
C GLN A 106 -8.14 46.49 -8.86
N THR A 107 -7.47 45.84 -9.80
CA THR A 107 -8.08 44.76 -10.58
C THR A 107 -7.24 43.50 -10.35
N CYS A 108 -7.74 42.64 -9.48
CA CYS A 108 -7.03 41.43 -9.12
C CYS A 108 -7.27 40.35 -10.17
N TYR A 109 -6.21 39.64 -10.54
CA TYR A 109 -6.31 38.50 -11.44
C TYR A 109 -5.41 37.38 -10.95
N ILE A 110 -5.74 36.16 -11.34
CA ILE A 110 -5.04 34.98 -10.88
C ILE A 110 -4.55 34.20 -12.10
N ARG A 111 -3.25 34.29 -12.37
CA ARG A 111 -2.65 33.47 -13.42
C ARG A 111 -2.27 32.11 -12.87
N SER A 112 -2.15 31.13 -13.77
CA SER A 112 -1.63 29.82 -13.40
C SER A 112 -0.86 29.21 -14.57
N PHE A 113 0.31 28.65 -14.29
CA PHE A 113 1.22 28.17 -15.34
C PHE A 113 1.61 26.72 -15.08
N LEU A 114 2.58 26.21 -15.83
CA LEU A 114 3.17 24.91 -15.55
C LEU A 114 4.65 25.07 -15.20
N ILE A 115 5.09 24.36 -14.16
CA ILE A 115 6.51 24.10 -13.97
C ILE A 115 6.60 22.58 -14.00
N PRO A 116 7.77 22.03 -14.37
CA PRO A 116 8.02 20.65 -13.94
C PRO A 116 8.19 20.58 -12.43
N ARG A 117 8.08 19.38 -11.87
CA ARG A 117 8.07 19.19 -10.43
C ARG A 117 9.40 19.63 -9.80
N ASN A 118 9.28 20.31 -8.66
CA ASN A 118 10.40 20.65 -7.78
C ASN A 118 11.42 21.64 -8.32
N TYR A 119 11.16 22.29 -9.45
CA TYR A 119 11.95 23.48 -9.79
C TYR A 119 11.49 24.65 -8.94
N SER A 120 12.31 25.70 -8.91
CA SER A 120 11.94 26.95 -8.25
C SER A 120 11.19 27.83 -9.25
N ALA A 121 11.01 29.11 -8.91
CA ALA A 121 10.29 30.03 -9.77
C ALA A 121 11.16 30.71 -10.83
N ASP A 122 12.44 30.91 -10.53
CA ASP A 122 13.33 31.67 -11.42
C ASP A 122 13.90 30.83 -12.58
N GLU A 123 13.87 29.51 -12.45
CA GLU A 123 14.47 28.61 -13.43
C GLU A 123 13.41 27.97 -14.34
N ILE A 124 12.36 28.72 -14.64
CA ILE A 124 11.33 28.29 -15.59
C ILE A 124 10.75 29.53 -16.25
N ASN A 125 10.27 29.37 -17.48
CA ASN A 125 9.64 30.46 -18.22
C ASN A 125 8.14 30.51 -17.94
N VAL A 126 7.47 31.50 -18.52
CA VAL A 126 6.02 31.64 -18.39
C VAL A 126 5.31 31.47 -19.73
N ASP A 127 5.97 30.86 -20.71
CA ASP A 127 5.39 30.68 -22.03
C ASP A 127 4.78 29.30 -22.14
N GLY A 128 3.55 29.14 -21.66
CA GLY A 128 2.84 27.87 -21.78
C GLY A 128 1.35 28.04 -21.72
N PRO A 129 0.61 26.92 -21.66
CA PRO A 129 -0.83 27.01 -21.45
C PRO A 129 -1.14 27.61 -20.09
N SER A 130 -2.01 28.61 -20.07
CA SER A 130 -2.31 29.33 -18.84
C SER A 130 -3.81 29.44 -18.63
N HIS A 131 -4.17 29.99 -17.47
CA HIS A 131 -5.56 30.27 -17.12
C HIS A 131 -5.60 31.49 -16.23
N ILE A 132 -6.54 32.39 -16.50
CA ILE A 132 -6.71 33.61 -15.75
C ILE A 132 -8.16 33.76 -15.31
N THR A 133 -8.37 34.06 -14.03
CA THR A 133 -9.69 34.39 -13.51
C THR A 133 -9.61 35.71 -12.76
N TYR A 134 -10.78 36.29 -12.54
CA TYR A 134 -10.91 37.56 -11.82
C TYR A 134 -11.76 37.31 -10.58
N PRO A 135 -11.15 37.42 -9.38
CA PRO A 135 -11.88 37.07 -8.16
C PRO A 135 -13.02 38.01 -7.76
N VAL A 136 -13.13 39.17 -8.39
CA VAL A 136 -14.25 40.06 -8.13
C VAL A 136 -15.55 39.53 -8.76
N ILE A 137 -15.42 38.78 -9.84
CA ILE A 137 -16.59 38.16 -10.48
C ILE A 137 -16.60 36.63 -10.39
N ASN A 138 -15.43 36.00 -10.26
CA ASN A 138 -15.32 34.55 -10.25
C ASN A 138 -14.34 34.17 -9.14
N PRO A 139 -14.86 33.96 -7.93
CA PRO A 139 -13.96 33.77 -6.81
C PRO A 139 -13.26 32.41 -6.72
N VAL A 140 -13.56 31.49 -7.64
CA VAL A 140 -13.00 30.16 -7.62
C VAL A 140 -12.14 29.95 -8.84
N HIS A 141 -10.85 29.74 -8.64
CA HIS A 141 -9.91 29.50 -9.74
C HIS A 141 -9.72 28.00 -9.91
N GLU A 142 -10.33 27.44 -10.95
CA GLU A 142 -10.33 26.00 -11.19
C GLU A 142 -9.34 25.68 -12.29
N VAL A 143 -8.41 24.77 -12.01
CA VAL A 143 -7.34 24.46 -12.95
C VAL A 143 -7.03 22.96 -12.89
N GLU A 144 -6.56 22.42 -14.00
CA GLU A 144 -6.19 21.01 -14.09
C GLU A 144 -4.83 20.86 -14.75
N VAL A 145 -3.90 20.26 -14.00
CA VAL A 145 -2.58 19.93 -14.53
C VAL A 145 -2.66 18.55 -15.15
N PRO A 146 -2.24 18.38 -16.41
CA PRO A 146 -2.28 17.05 -17.01
C PRO A 146 -1.11 16.17 -16.58
N PHE A 147 -1.01 15.01 -17.18
CA PHE A 147 0.08 14.09 -16.90
C PHE A 147 1.05 14.13 -18.06
N TYR A 148 2.05 15.00 -17.93
CA TYR A 148 3.09 15.16 -18.94
C TYR A 148 4.39 14.62 -18.36
N SER A 149 4.58 13.30 -18.47
CA SER A 149 5.67 12.65 -17.77
C SER A 149 6.61 11.94 -18.73
N GLN A 150 7.87 11.82 -18.32
CA GLN A 150 8.82 10.98 -19.02
C GLN A 150 8.65 9.50 -18.68
N TYR A 151 8.01 9.20 -17.56
CA TYR A 151 7.85 7.83 -17.10
C TYR A 151 6.37 7.49 -17.03
N ARG A 152 6.07 6.21 -17.13
CA ARG A 152 4.68 5.75 -17.10
C ARG A 152 4.08 5.71 -15.69
N LYS A 153 4.91 5.92 -14.67
CA LYS A 153 4.47 5.98 -13.28
C LYS A 153 5.54 6.68 -12.47
N ILE A 154 5.15 7.27 -11.34
CA ILE A 154 6.07 8.07 -10.54
C ILE A 154 6.14 7.53 -9.10
N PRO A 155 7.35 7.33 -8.57
CA PRO A 155 7.50 6.85 -7.20
C PRO A 155 7.40 8.00 -6.20
N ILE A 156 7.74 7.74 -4.95
CA ILE A 156 7.78 8.79 -3.94
C ILE A 156 9.23 9.01 -3.52
N ALA A 157 9.67 10.27 -3.62
CA ALA A 157 11.01 10.75 -3.22
C ALA A 157 12.15 10.06 -3.97
N SER A 158 12.19 10.29 -5.29
CA SER A 158 13.12 9.62 -6.19
C SER A 158 14.51 10.26 -6.15
N THR A 159 15.34 9.91 -7.13
CA THR A 159 16.73 10.35 -7.20
C THR A 159 16.86 11.83 -7.63
N SER A 160 18.09 12.23 -7.95
CA SER A 160 18.40 13.59 -8.37
C SER A 160 17.86 13.96 -9.77
N ASP A 161 17.31 12.98 -10.49
CA ASP A 161 16.51 13.26 -11.68
C ASP A 161 15.25 14.02 -11.25
N LYS A 162 15.25 15.33 -11.50
CA LYS A 162 14.13 16.18 -11.14
C LYS A 162 13.55 16.83 -12.39
N GLY A 163 12.29 17.23 -12.29
CA GLY A 163 11.61 17.85 -13.41
C GLY A 163 11.22 16.90 -14.52
N TYR A 164 10.71 15.73 -14.13
CA TYR A 164 10.34 14.69 -15.09
C TYR A 164 8.84 14.61 -15.35
N ASP A 165 8.06 15.43 -14.65
CA ASP A 165 6.63 15.59 -14.93
C ASP A 165 6.20 16.97 -14.48
N SER A 166 5.08 17.42 -15.03
CA SER A 166 4.64 18.80 -14.87
C SER A 166 3.87 19.01 -13.56
N SER A 167 3.72 20.27 -13.19
CA SER A 167 2.98 20.68 -12.02
C SER A 167 2.38 22.06 -12.28
N LEU A 168 1.97 22.76 -11.22
CA LEU A 168 1.30 24.04 -11.33
C LEU A 168 2.19 25.15 -10.76
N MET A 169 2.03 26.36 -11.30
CA MET A 169 2.64 27.56 -10.72
C MET A 169 1.55 28.59 -10.53
N TYR A 170 1.54 29.24 -9.38
CA TYR A 170 0.52 30.22 -9.04
C TYR A 170 1.08 31.62 -9.21
N PHE A 171 0.21 32.53 -9.65
CA PHE A 171 0.58 33.95 -9.74
C PHE A 171 -0.63 34.82 -9.49
N SER A 172 -0.41 35.92 -8.78
CA SER A 172 -1.45 36.90 -8.51
C SER A 172 -0.82 38.26 -8.32
N ASN A 173 -1.49 39.30 -8.83
CA ASN A 173 -0.98 40.67 -8.71
C ASN A 173 -1.11 41.24 -7.30
N THR A 174 -1.99 40.67 -6.49
CA THR A 174 -2.20 41.14 -5.13
C THR A 174 -1.88 40.04 -4.11
N ALA A 175 -1.64 40.46 -2.86
CA ALA A 175 -1.37 39.51 -1.78
C ALA A 175 -2.68 38.86 -1.37
N THR A 176 -2.92 37.65 -1.86
CA THR A 176 -4.17 36.95 -1.63
C THR A 176 -4.03 35.89 -0.55
N THR A 177 -5.16 35.31 -0.18
CA THR A 177 -5.22 34.23 0.80
C THR A 177 -6.40 33.33 0.45
N GLN A 178 -6.15 32.02 0.38
CA GLN A 178 -7.05 31.11 -0.30
C GLN A 178 -7.32 29.82 0.45
N ILE A 179 -8.26 29.06 -0.08
CA ILE A 179 -8.58 27.72 0.37
C ILE A 179 -8.32 26.78 -0.80
N VAL A 180 -7.28 25.96 -0.68
CA VAL A 180 -6.87 25.06 -1.74
C VAL A 180 -7.52 23.70 -1.50
N ALA A 181 -8.12 23.14 -2.55
CA ALA A 181 -8.77 21.84 -2.48
C ALA A 181 -8.43 21.05 -3.73
N ARG A 182 -7.67 19.97 -3.57
CA ARG A 182 -7.20 19.20 -4.71
C ARG A 182 -7.90 17.86 -4.82
N ALA A 183 -7.87 17.33 -6.05
CA ALA A 183 -8.33 15.99 -6.36
C ALA A 183 -7.63 15.54 -7.62
N GLY A 184 -7.72 14.25 -7.92
CA GLY A 184 -7.17 13.72 -9.15
C GLY A 184 -8.12 13.93 -10.30
N ASN A 185 -7.60 13.86 -11.51
CA ASN A 185 -8.44 14.02 -12.70
C ASN A 185 -9.05 12.67 -13.08
N ASP A 186 -9.57 12.54 -14.30
CA ASP A 186 -10.26 11.34 -14.72
C ASP A 186 -9.31 10.15 -14.98
N ASP A 187 -8.00 10.38 -14.95
CA ASP A 187 -7.02 9.31 -15.13
C ASP A 187 -6.15 9.04 -13.92
N PHE A 188 -6.41 9.70 -12.79
CA PHE A 188 -5.53 9.58 -11.64
C PHE A 188 -5.81 8.29 -10.86
N THR A 189 -4.74 7.59 -10.50
CA THR A 189 -4.85 6.38 -9.70
C THR A 189 -3.54 6.14 -8.97
N PHE A 190 -3.63 5.41 -7.86
CA PHE A 190 -2.45 4.89 -7.18
C PHE A 190 -2.23 3.44 -7.61
N GLY A 191 -1.22 2.79 -7.05
CA GLY A 191 -0.98 1.40 -7.34
C GLY A 191 0.13 0.84 -6.50
N TRP A 192 0.31 -0.47 -6.59
CA TRP A 192 1.43 -1.21 -6.00
C TRP A 192 1.40 -1.08 -4.47
N MET A 193 0.39 -1.74 -3.91
CA MET A 193 -0.02 -1.61 -2.51
C MET A 193 1.03 -2.09 -1.52
N ILE A 194 1.20 -1.33 -0.45
CA ILE A 194 1.95 -1.73 0.75
C ILE A 194 0.98 -1.63 1.93
N GLY A 195 1.51 -1.89 3.12
CA GLY A 195 0.77 -1.83 4.37
C GLY A 195 0.74 -0.44 4.97
N PRO A 196 -0.21 -0.20 5.89
CA PRO A 196 -0.42 1.16 6.37
C PRO A 196 0.59 1.58 7.44
N PRO A 197 0.78 2.90 7.60
CA PRO A 197 1.52 3.41 8.75
C PRO A 197 0.62 3.55 9.97
N GLN A 198 1.13 4.18 11.02
CA GLN A 198 0.34 4.42 12.23
C GLN A 198 -0.58 5.61 12.07
N LEU A 199 -1.43 5.82 13.08
CA LEU A 199 -2.32 6.96 13.13
C LEU A 199 -2.05 7.78 14.39
N GLN A 200 -2.64 8.96 14.45
CA GLN A 200 -2.44 9.85 15.56
C GLN A 200 -3.78 10.28 16.13
N GLY A 201 -3.89 10.23 17.46
CA GLY A 201 -5.12 10.57 18.17
C GLY A 201 -5.12 12.00 18.65
N GLU A 202 -5.59 12.20 19.88
CA GLU A 202 -5.68 13.53 20.47
C GLU A 202 -4.36 13.96 21.10
N SER A 203 -4.34 15.20 21.60
CA SER A 203 -3.20 15.73 22.35
C SER A 203 -3.75 16.57 23.49
N ARG A 204 -3.88 15.96 24.66
CA ARG A 204 -4.58 16.60 25.78
C ARG A 204 -3.75 17.62 26.56
N SER A 205 -2.42 17.46 26.58
CA SER A 205 -1.52 18.27 27.41
C SER A 205 -1.91 18.17 28.89
N VAL A 206 -1.70 16.99 29.44
CA VAL A 206 -2.17 16.64 30.78
C VAL A 206 -1.42 17.45 31.85
N ALA A 207 -2.06 17.59 33.01
CA ALA A 207 -1.57 18.45 34.11
C ALA A 207 -0.22 18.10 34.76
N PRO A 208 0.13 16.80 34.93
CA PRO A 208 1.48 16.60 35.46
C PRO A 208 2.57 16.78 34.39
N SER B 1 -32.80 39.18 -42.36
CA SER B 1 -31.68 38.22 -42.12
C SER B 1 -31.20 38.27 -40.69
N LYS B 2 -31.61 39.28 -39.93
CA LYS B 2 -31.19 39.44 -38.55
C LYS B 2 -32.43 39.51 -37.65
N PRO B 3 -33.05 38.36 -37.38
CA PRO B 3 -34.35 38.35 -36.73
C PRO B 3 -34.26 38.58 -35.20
N ARG B 4 -35.40 38.66 -34.53
CA ARG B 4 -35.46 38.94 -33.08
C ARG B 4 -35.38 37.73 -32.17
N ASN B 5 -35.16 37.99 -30.88
CA ASN B 5 -35.06 36.91 -29.90
C ASN B 5 -36.45 36.34 -29.58
N GLN B 6 -36.57 35.03 -29.72
CA GLN B 6 -37.79 34.33 -29.32
C GLN B 6 -37.60 33.50 -28.06
N GLN B 7 -36.39 33.46 -27.51
CA GLN B 7 -36.07 32.62 -26.37
C GLN B 7 -36.37 33.37 -25.07
N GLN B 8 -36.78 32.61 -24.06
CA GLN B 8 -37.23 33.19 -22.79
C GLN B 8 -36.07 33.69 -21.94
N VAL B 9 -36.41 34.49 -20.94
CA VAL B 9 -35.44 34.91 -19.93
C VAL B 9 -35.18 33.73 -19.02
N CYS B 10 -33.96 33.22 -19.04
CA CYS B 10 -33.65 32.03 -18.25
C CYS B 10 -33.28 32.42 -16.82
N PRO B 11 -33.81 31.71 -15.82
CA PRO B 11 -33.41 31.99 -14.44
C PRO B 11 -32.00 31.48 -14.17
N LEU B 12 -31.35 32.10 -13.20
CA LEU B 12 -29.91 31.96 -13.07
C LEU B 12 -29.50 32.01 -11.62
N GLN B 13 -28.45 31.26 -11.27
CA GLN B 13 -27.80 31.41 -9.98
C GLN B 13 -26.29 31.35 -10.18
N ASN B 14 -25.57 32.24 -9.52
CA ASN B 14 -24.13 32.39 -9.71
C ASN B 14 -23.39 31.54 -8.68
N VAL B 15 -23.32 30.25 -8.94
CA VAL B 15 -22.60 29.32 -8.06
C VAL B 15 -21.35 28.78 -8.76
N PRO B 16 -20.17 29.34 -8.43
CA PRO B 16 -18.96 28.66 -8.87
C PRO B 16 -18.73 27.39 -8.06
N ALA B 17 -18.29 26.33 -8.73
CA ALA B 17 -18.04 25.01 -8.14
C ALA B 17 -19.27 24.46 -7.43
N TRP B 18 -20.35 24.22 -8.18
CA TRP B 18 -21.54 23.56 -7.66
C TRP B 18 -21.24 22.08 -7.44
N GLY B 19 -21.24 21.66 -6.18
CA GLY B 19 -21.10 20.23 -5.86
C GLY B 19 -19.74 19.70 -6.23
N TYR B 20 -18.70 20.33 -5.70
CA TYR B 20 -17.33 19.89 -5.95
C TYR B 20 -16.96 18.65 -5.12
N SER B 21 -17.73 18.34 -4.07
CA SER B 21 -17.43 17.24 -3.18
C SER B 21 -18.04 15.90 -3.60
N LEU B 22 -18.64 15.84 -4.80
CA LEU B 22 -19.25 14.61 -5.30
C LEU B 22 -18.28 13.92 -6.25
N TYR B 23 -18.33 12.59 -6.29
CA TYR B 23 -17.38 11.85 -7.11
C TYR B 23 -17.74 11.83 -8.58
N LYS B 24 -18.99 12.17 -8.91
CA LYS B 24 -19.49 12.01 -10.26
C LYS B 24 -20.15 13.30 -10.71
N GLY B 25 -19.86 13.70 -11.93
CA GLY B 25 -20.40 14.92 -12.49
C GLY B 25 -19.58 15.40 -13.66
N ILE B 26 -19.67 16.69 -13.93
CA ILE B 26 -18.91 17.33 -15.00
C ILE B 26 -18.17 18.50 -14.39
N ASP B 27 -16.84 18.42 -14.43
CA ASP B 27 -15.99 19.31 -13.68
C ASP B 27 -15.57 20.48 -14.55
N MET B 28 -15.58 21.68 -13.96
CA MET B 28 -15.38 22.93 -14.69
C MET B 28 -13.94 23.43 -14.71
N SER B 29 -12.97 22.55 -14.43
CA SER B 29 -11.58 22.97 -14.32
C SER B 29 -10.93 22.98 -15.71
N VAL B 30 -10.24 24.08 -16.00
CA VAL B 30 -9.63 24.28 -17.30
C VAL B 30 -8.34 23.48 -17.35
N PRO B 31 -8.18 22.61 -18.37
CA PRO B 31 -6.91 21.89 -18.50
C PRO B 31 -5.79 22.80 -19.00
N LEU B 32 -4.59 22.63 -18.46
CA LEU B 32 -3.43 23.33 -18.95
C LEU B 32 -2.72 22.41 -19.93
N ALA B 33 -3.34 22.25 -21.09
CA ALA B 33 -2.95 21.22 -22.03
C ALA B 33 -3.00 21.78 -23.44
N TYR B 34 -2.96 20.86 -24.41
CA TYR B 34 -3.14 21.16 -25.83
C TYR B 34 -4.53 20.76 -26.33
N ASP B 35 -5.05 19.63 -25.86
CA ASP B 35 -6.23 18.99 -26.40
C ASP B 35 -7.32 19.01 -25.31
N PRO B 36 -8.56 19.42 -25.66
CA PRO B 36 -9.63 19.31 -24.65
C PRO B 36 -10.03 17.87 -24.30
N ASN B 37 -9.68 16.91 -25.15
CA ASN B 37 -9.90 15.49 -24.85
C ASN B 37 -8.61 14.84 -24.37
N ASN B 38 -7.87 15.53 -23.51
CA ASN B 38 -6.59 15.02 -23.02
C ASN B 38 -6.87 13.87 -22.07
N GLU B 39 -6.48 12.66 -22.48
CA GLU B 39 -6.96 11.45 -21.83
C GLU B 39 -5.92 10.36 -21.99
N LEU B 40 -5.36 9.90 -20.88
CA LEU B 40 -4.46 8.74 -20.89
C LEU B 40 -5.26 7.48 -21.20
N GLY B 41 -4.55 6.47 -21.69
CA GLY B 41 -5.16 5.18 -21.96
C GLY B 41 -5.42 4.38 -20.71
N ASP B 42 -5.73 3.11 -20.90
CA ASP B 42 -5.99 2.22 -19.77
C ASP B 42 -4.70 1.87 -19.01
N LEU B 43 -4.85 1.13 -17.92
CA LEU B 43 -3.73 0.73 -17.09
C LEU B 43 -3.00 -0.54 -17.54
N LYS B 44 -3.04 -0.84 -18.83
CA LYS B 44 -2.32 -1.98 -19.36
C LYS B 44 -0.83 -1.67 -19.41
N ASP B 45 -0.03 -2.53 -18.77
CA ASP B 45 1.43 -2.40 -18.69
C ASP B 45 1.87 -1.09 -18.04
N VAL B 46 1.31 -0.79 -16.88
CA VAL B 46 1.75 0.36 -16.09
C VAL B 46 2.25 -0.10 -14.74
N PHE B 47 1.35 -0.67 -13.94
CA PHE B 47 1.72 -1.20 -12.63
C PHE B 47 2.07 -2.68 -12.78
N PRO B 48 2.89 -3.23 -11.86
CA PRO B 48 3.28 -4.64 -12.01
C PRO B 48 2.17 -5.67 -11.75
N SER B 49 0.98 -5.25 -11.32
CA SER B 49 -0.14 -6.14 -11.09
C SER B 49 -1.38 -5.59 -11.77
N ALA B 50 -2.08 -6.45 -12.51
CA ALA B 50 -3.31 -6.05 -13.21
C ALA B 50 -4.57 -6.28 -12.36
N VAL B 51 -4.43 -6.26 -11.04
CA VAL B 51 -5.55 -6.37 -10.12
C VAL B 51 -5.89 -4.96 -9.67
N ASP B 52 -7.19 -4.65 -9.57
CA ASP B 52 -7.61 -3.35 -9.10
C ASP B 52 -7.25 -3.23 -7.63
N GLU B 53 -6.13 -2.55 -7.37
CA GLU B 53 -5.56 -2.50 -6.03
C GLU B 53 -6.21 -1.43 -5.16
N MET B 54 -7.30 -0.80 -5.61
CA MET B 54 -7.98 0.20 -4.81
C MET B 54 -9.41 -0.14 -4.43
N ALA B 55 -9.90 -1.33 -4.80
CA ALA B 55 -11.23 -1.76 -4.38
C ALA B 55 -11.24 -1.99 -2.87
N ILE B 56 -12.36 -1.65 -2.23
CA ILE B 56 -12.47 -1.79 -0.78
C ILE B 56 -12.41 -3.27 -0.39
N GLY B 57 -12.88 -4.14 -1.27
CA GLY B 57 -12.68 -5.59 -1.13
C GLY B 57 -11.21 -5.97 -1.07
N TYR B 58 -10.41 -5.44 -1.99
CA TYR B 58 -9.00 -5.81 -2.08
C TYR B 58 -8.16 -5.20 -0.98
N VAL B 59 -8.49 -3.98 -0.55
CA VAL B 59 -7.68 -3.31 0.45
C VAL B 59 -7.96 -3.90 1.84
N CYS B 60 -9.23 -4.07 2.17
CA CYS B 60 -9.60 -4.63 3.46
C CYS B 60 -9.37 -6.14 3.56
N GLY B 61 -9.16 -6.80 2.43
CA GLY B 61 -8.84 -8.22 2.43
C GLY B 61 -7.35 -8.51 2.57
N ASN B 62 -6.60 -7.53 3.07
CA ASN B 62 -5.18 -7.70 3.33
C ASN B 62 -5.06 -8.00 4.84
N PRO B 63 -4.62 -9.21 5.19
CA PRO B 63 -4.55 -9.55 6.61
C PRO B 63 -3.40 -8.88 7.33
N ALA B 64 -3.56 -8.69 8.64
CA ALA B 64 -2.52 -8.14 9.48
C ALA B 64 -2.62 -8.70 10.89
N VAL B 65 -1.47 -8.81 11.55
CA VAL B 65 -1.36 -9.48 12.83
C VAL B 65 -1.69 -8.49 13.92
N LYS B 66 -2.80 -8.73 14.61
CA LYS B 66 -3.21 -7.87 15.71
C LYS B 66 -2.76 -8.35 17.07
N HIS B 67 -2.61 -9.66 17.25
CA HIS B 67 -2.18 -10.22 18.52
C HIS B 67 -1.13 -11.29 18.30
N VAL B 68 -0.08 -11.25 19.11
CA VAL B 68 0.82 -12.38 19.30
C VAL B 68 0.82 -12.66 20.79
N LEU B 69 0.04 -13.65 21.19
CA LEU B 69 -0.13 -13.95 22.60
C LEU B 69 0.95 -14.89 23.09
N THR B 70 0.91 -15.21 24.38
CA THR B 70 1.83 -16.17 24.95
C THR B 70 1.07 -17.01 25.94
N TRP B 71 0.88 -18.28 25.60
CA TRP B 71 0.10 -19.19 26.44
C TRP B 71 1.07 -20.13 27.13
N LYS B 72 1.30 -19.85 28.42
CA LYS B 72 2.26 -20.59 29.21
C LYS B 72 1.70 -21.93 29.66
N THR B 73 2.55 -22.74 30.25
CA THR B 73 2.13 -24.00 30.85
C THR B 73 1.64 -23.83 32.28
N THR B 74 1.68 -22.60 32.79
CA THR B 74 1.25 -22.27 34.15
C THR B 74 -0.15 -21.65 34.18
N ASP B 75 -0.61 -21.11 33.04
CA ASP B 75 -1.90 -20.41 32.98
C ASP B 75 -3.07 -21.34 33.27
N ALA B 76 -4.04 -20.81 34.00
CA ALA B 76 -5.21 -21.58 34.42
C ALA B 76 -6.17 -21.81 33.27
N ILE B 77 -7.09 -22.74 33.48
CA ILE B 77 -8.13 -23.04 32.50
C ILE B 77 -9.32 -22.09 32.73
N GLN B 78 -10.08 -21.87 31.66
CA GLN B 78 -11.27 -21.01 31.65
C GLN B 78 -10.99 -19.58 32.13
N LYS B 79 -9.84 -19.05 31.71
CA LYS B 79 -9.40 -17.72 32.08
C LYS B 79 -8.70 -17.19 30.83
N PRO B 80 -9.03 -15.96 30.38
CA PRO B 80 -8.52 -15.50 29.10
C PRO B 80 -7.02 -15.26 29.11
N ILE B 81 -6.37 -15.58 28.00
CA ILE B 81 -4.91 -15.62 27.93
C ILE B 81 -4.39 -14.18 27.88
N ALA B 82 -3.88 -13.72 29.02
CA ALA B 82 -3.39 -12.35 29.16
C ALA B 82 -1.92 -12.40 29.58
N ASN B 83 -1.04 -12.54 28.60
CA ASN B 83 0.41 -12.51 28.81
C ASN B 83 1.04 -11.82 27.61
N GLY B 84 1.91 -10.85 27.89
CA GLY B 84 2.62 -10.11 26.85
C GLY B 84 1.87 -8.88 26.40
N ASP B 85 1.17 -8.98 25.26
CA ASP B 85 0.51 -7.84 24.65
C ASP B 85 -0.68 -7.36 25.47
N ASP B 86 -1.06 -6.12 25.22
CA ASP B 86 -2.28 -5.56 25.80
C ASP B 86 -3.49 -6.15 25.08
N TRP B 87 -4.64 -6.02 25.74
CA TRP B 87 -5.95 -6.59 25.33
C TRP B 87 -6.07 -8.11 25.45
N GLY B 88 -4.96 -8.79 25.78
CA GLY B 88 -4.93 -10.22 26.09
C GLY B 88 -5.57 -11.10 25.04
N GLY B 89 -6.30 -12.10 25.53
CA GLY B 89 -7.10 -12.95 24.68
C GLY B 89 -8.53 -12.42 24.56
N VAL B 90 -8.69 -11.11 24.43
CA VAL B 90 -9.99 -10.49 24.18
C VAL B 90 -9.85 -9.64 22.92
N ILE B 91 -10.40 -10.13 21.81
CA ILE B 91 -10.30 -9.46 20.53
C ILE B 91 -11.66 -8.85 20.21
N PRO B 92 -11.80 -7.51 20.27
CA PRO B 92 -13.06 -6.89 19.87
C PRO B 92 -13.35 -7.08 18.39
N VAL B 93 -14.44 -7.77 18.09
CA VAL B 93 -14.82 -8.04 16.71
C VAL B 93 -15.30 -6.75 16.10
N GLY B 94 -14.57 -6.26 15.11
CA GLY B 94 -14.94 -5.01 14.49
C GLY B 94 -13.88 -4.48 13.56
N MET B 95 -14.34 -3.74 12.55
CA MET B 95 -13.46 -3.10 11.60
C MET B 95 -12.61 -1.93 12.15
N PRO B 96 -13.12 -1.07 13.09
CA PRO B 96 -12.23 -0.01 13.61
C PRO B 96 -11.08 -0.49 14.47
N CYS B 97 -10.31 0.48 14.99
CA CYS B 97 -9.15 0.19 15.82
C CYS B 97 -9.48 0.32 17.29
N TYR B 98 -8.92 -0.58 18.09
CA TYR B 98 -9.23 -0.67 19.53
C TYR B 98 -8.04 -0.52 20.45
N SER B 99 -6.82 -0.50 19.93
CA SER B 99 -5.63 -0.43 20.75
C SER B 99 -4.85 0.83 20.41
N LYS B 100 -4.38 1.51 21.44
CA LYS B 100 -3.59 2.71 21.26
C LYS B 100 -2.51 2.81 22.31
N SER B 101 -1.37 3.37 21.91
CA SER B 101 -0.30 3.73 22.82
C SER B 101 -0.34 5.22 23.08
N ILE B 102 0.31 5.64 24.16
CA ILE B 102 0.31 7.05 24.55
C ILE B 102 1.74 7.50 24.74
N ARG B 103 2.16 8.47 23.92
CA ARG B 103 3.50 9.04 24.00
C ARG B 103 3.44 10.31 24.84
N THR B 104 4.29 10.37 25.87
CA THR B 104 4.32 11.48 26.80
C THR B 104 5.67 12.19 26.71
N THR B 105 5.62 13.47 26.31
CA THR B 105 6.80 14.33 26.29
C THR B 105 6.55 15.56 27.16
N ARG B 106 7.60 16.33 27.39
CA ARG B 106 7.53 17.49 28.26
C ARG B 106 7.46 18.78 27.46
N ILE B 107 6.54 19.66 27.85
CA ILE B 107 6.55 21.05 27.41
C ILE B 107 7.36 21.89 28.40
N SER B 108 7.01 21.81 29.68
CA SER B 108 7.74 22.49 30.75
C SER B 108 8.13 21.46 31.80
N ALA B 109 8.63 21.94 32.94
CA ALA B 109 8.93 21.07 34.08
C ALA B 109 7.67 20.66 34.86
N THR B 110 6.54 21.32 34.61
CA THR B 110 5.30 21.04 35.34
C THR B 110 4.15 20.57 34.45
N GLU B 111 4.44 20.28 33.18
CA GLU B 111 3.41 19.89 32.22
C GLU B 111 3.94 18.81 31.30
N ASN B 112 3.06 17.87 30.95
CA ASN B 112 3.36 16.82 29.97
C ASN B 112 2.34 16.89 28.84
N ARG B 113 2.84 16.81 27.60
CA ARG B 113 1.97 16.70 26.42
C ARG B 113 1.84 15.24 26.01
N GLU B 114 0.63 14.70 26.13
CA GLU B 114 0.35 13.33 25.72
C GLU B 114 -0.06 13.29 24.25
N THR B 115 0.09 12.12 23.65
CA THR B 115 -0.28 11.92 22.25
C THR B 115 -0.65 10.46 22.05
N GLU B 116 -1.82 10.23 21.47
CA GLU B 116 -2.32 8.86 21.26
C GLU B 116 -1.85 8.35 19.91
N VAL B 117 -1.19 7.19 19.90
CA VAL B 117 -0.68 6.56 18.69
C VAL B 117 -1.40 5.23 18.51
N MET B 118 -1.90 4.98 17.31
CA MET B 118 -2.76 3.83 17.03
C MET B 118 -2.18 2.95 15.94
N ASP B 119 -2.02 1.66 16.26
CA ASP B 119 -1.56 0.68 15.28
C ASP B 119 -2.74 0.26 14.41
N ALA B 120 -2.64 0.49 13.10
CA ALA B 120 -3.74 0.25 12.19
C ALA B 120 -3.44 -0.90 11.26
N ALA B 121 -4.38 -1.84 11.16
CA ALA B 121 -4.40 -2.83 10.08
C ALA B 121 -4.90 -2.15 8.80
N PRO B 122 -4.63 -2.75 7.62
CA PRO B 122 -5.16 -2.16 6.39
C PRO B 122 -6.68 -2.21 6.19
N CYS B 123 -7.44 -2.76 7.14
CA CYS B 123 -8.89 -2.55 7.19
C CYS B 123 -9.28 -1.50 8.24
N GLU B 124 -8.51 -1.42 9.31
CA GLU B 124 -8.71 -0.38 10.33
C GLU B 124 -8.30 1.00 9.85
N TYR B 125 -7.42 1.04 8.85
CA TYR B 125 -6.93 2.28 8.26
C TYR B 125 -7.93 2.88 7.28
N VAL B 126 -8.79 2.04 6.70
CA VAL B 126 -9.79 2.47 5.74
C VAL B 126 -11.08 2.91 6.44
N ALA B 127 -11.45 2.22 7.51
CA ALA B 127 -12.65 2.59 8.28
C ALA B 127 -12.50 3.93 8.99
N ASN B 128 -11.27 4.39 9.22
CA ASN B 128 -11.04 5.70 9.81
C ASN B 128 -11.39 6.85 8.85
N MET B 129 -11.43 6.56 7.56
CA MET B 129 -11.84 7.57 6.58
C MET B 129 -13.33 7.87 6.64
N PHE B 130 -14.12 6.91 7.11
CA PHE B 130 -15.57 6.98 7.03
C PHE B 130 -16.20 7.12 8.40
N SER B 131 -17.52 7.26 8.44
CA SER B 131 -18.26 7.45 9.69
C SER B 131 -18.84 6.16 10.25
N TYR B 132 -19.51 5.37 9.41
CA TYR B 132 -20.13 4.13 9.85
C TYR B 132 -19.65 2.97 8.99
N TRP B 133 -19.68 1.77 9.55
CA TRP B 133 -19.21 0.58 8.85
C TRP B 133 -20.18 -0.58 9.03
N ARG B 134 -20.01 -1.59 8.18
CA ARG B 134 -20.78 -2.83 8.26
C ARG B 134 -20.05 -3.88 7.45
N ALA B 135 -19.55 -4.92 8.09
CA ALA B 135 -18.72 -5.89 7.40
C ALA B 135 -18.73 -7.23 8.09
N THR B 136 -18.41 -8.28 7.33
CA THR B 136 -18.18 -9.61 7.86
C THR B 136 -16.72 -9.72 8.21
N MET B 137 -16.42 -9.79 9.50
CA MET B 137 -15.03 -9.82 9.96
C MET B 137 -14.50 -11.24 9.94
N CYS B 138 -13.27 -11.39 9.44
CA CYS B 138 -12.61 -12.69 9.40
C CYS B 138 -11.38 -12.67 10.28
N TYR B 139 -11.12 -13.80 10.93
CA TYR B 139 -9.96 -13.96 11.82
C TYR B 139 -9.31 -15.30 11.54
N ARG B 140 -7.99 -15.36 11.64
CA ARG B 140 -7.27 -16.61 11.55
C ARG B 140 -6.37 -16.76 12.75
N ILE B 141 -6.72 -17.68 13.63
CA ILE B 141 -6.03 -17.88 14.89
C ILE B 141 -5.04 -19.03 14.70
N THR B 142 -3.75 -18.71 14.84
CA THR B 142 -2.68 -19.64 14.52
C THR B 142 -1.80 -19.82 15.75
N VAL B 143 -1.49 -21.06 16.08
CA VAL B 143 -0.68 -21.39 17.23
C VAL B 143 0.75 -21.73 16.79
N VAL B 144 1.73 -21.04 17.34
CA VAL B 144 3.12 -21.34 17.06
C VAL B 144 3.59 -22.36 18.09
N LYS B 145 3.71 -23.60 17.66
CA LYS B 145 4.07 -24.70 18.55
C LYS B 145 4.87 -25.75 17.81
N THR B 146 5.39 -26.69 18.57
CA THR B 146 6.11 -27.84 18.02
C THR B 146 5.12 -28.96 17.76
N ALA B 147 5.61 -30.15 17.44
CA ALA B 147 4.76 -31.33 17.34
C ALA B 147 4.46 -31.97 18.70
N PHE B 148 5.07 -31.45 19.76
CA PHE B 148 4.96 -32.05 21.09
C PHE B 148 4.16 -31.23 22.09
N HIS B 149 3.83 -29.98 21.73
CA HIS B 149 2.88 -29.19 22.50
C HIS B 149 1.46 -29.63 22.12
N THR B 150 0.71 -30.09 23.10
CA THR B 150 -0.70 -30.42 22.92
C THR B 150 -1.53 -29.66 23.92
N GLY B 151 -2.71 -29.25 23.48
CA GLY B 151 -3.66 -28.55 24.33
C GLY B 151 -4.97 -28.39 23.60
N ARG B 152 -5.95 -27.81 24.26
CA ARG B 152 -7.20 -27.45 23.61
C ARG B 152 -7.51 -26.01 23.95
N LEU B 153 -8.17 -25.33 23.02
CA LEU B 153 -8.35 -23.90 23.08
C LEU B 153 -9.77 -23.57 22.69
N GLU B 154 -10.37 -22.59 23.38
CA GLU B 154 -11.76 -22.21 23.13
C GLU B 154 -11.82 -20.78 22.63
N ILE B 155 -12.57 -20.56 21.55
CA ILE B 155 -12.77 -19.24 21.00
C ILE B 155 -14.27 -19.01 20.88
N PHE B 156 -14.83 -18.26 21.82
CA PHE B 156 -16.27 -17.98 21.80
C PHE B 156 -16.56 -16.53 21.50
N PHE B 157 -17.70 -16.29 20.87
CA PHE B 157 -18.15 -14.95 20.53
C PHE B 157 -19.23 -14.50 21.51
N GLU B 158 -19.05 -13.29 22.06
CA GLU B 158 -20.03 -12.70 22.96
C GLU B 158 -20.43 -11.31 22.44
N PRO B 159 -21.69 -11.14 22.01
CA PRO B 159 -22.09 -9.86 21.43
C PRO B 159 -22.32 -8.76 22.46
N GLY B 160 -22.24 -7.52 21.99
CA GLY B 160 -22.61 -6.35 22.78
C GLY B 160 -21.47 -5.61 23.45
N VAL B 161 -21.68 -5.19 24.69
CA VAL B 161 -20.76 -4.32 25.40
C VAL B 161 -19.59 -5.15 25.91
N ILE B 162 -18.38 -4.65 25.70
CA ILE B 162 -17.16 -5.36 26.07
C ILE B 162 -16.85 -5.05 27.54
N PRO B 163 -16.49 -6.08 28.34
CA PRO B 163 -16.08 -5.80 29.74
C PRO B 163 -14.70 -5.14 29.81
N VAL B 164 -14.68 -3.86 30.14
CA VAL B 164 -13.47 -3.05 30.03
C VAL B 164 -13.16 -2.37 31.35
N LYS B 165 -11.88 -2.03 31.53
CA LYS B 165 -11.42 -1.17 32.62
C LYS B 165 -11.03 0.19 32.02
N PRO B 166 -11.92 1.19 32.12
CA PRO B 166 -11.52 2.53 31.68
C PRO B 166 -10.49 3.15 32.62
N THR B 167 -9.31 3.42 32.07
CA THR B 167 -8.25 4.12 32.78
C THR B 167 -8.44 5.63 32.53
N VAL B 168 -7.64 6.46 33.20
CA VAL B 168 -7.73 7.91 33.04
C VAL B 168 -7.34 8.39 31.64
N ASN B 169 -6.57 7.60 30.91
CA ASN B 169 -6.10 8.00 29.57
C ASN B 169 -6.36 6.96 28.47
N ASN B 170 -6.84 5.77 28.81
CA ASN B 170 -6.95 4.68 27.84
C ASN B 170 -8.02 3.71 28.33
N ILE B 171 -8.35 2.73 27.49
CA ILE B 171 -9.27 1.66 27.87
C ILE B 171 -8.57 0.31 27.72
N GLY B 172 -8.54 -0.45 28.80
CA GLY B 172 -8.09 -1.83 28.77
C GLY B 172 -9.24 -2.77 29.08
N PRO B 173 -9.11 -4.05 28.77
CA PRO B 173 -10.15 -5.00 29.10
C PRO B 173 -10.14 -5.40 30.57
N ASP B 174 -11.09 -6.24 30.95
CA ASP B 174 -11.25 -6.67 32.32
C ASP B 174 -11.24 -8.19 32.34
N GLN B 175 -10.08 -8.78 32.66
CA GLN B 175 -9.96 -10.24 32.76
C GLN B 175 -10.57 -10.81 34.05
N ASP B 176 -10.91 -9.95 35.01
CA ASP B 176 -11.53 -10.43 36.24
C ASP B 176 -12.99 -10.84 36.05
N ARG B 177 -13.64 -10.27 35.04
CA ARG B 177 -15.03 -10.57 34.73
C ARG B 177 -15.19 -11.56 33.58
N LEU B 178 -14.11 -12.21 33.16
CA LEU B 178 -14.16 -13.19 32.08
C LEU B 178 -13.58 -14.53 32.48
N THR B 179 -13.59 -14.83 33.77
CA THR B 179 -13.18 -16.16 34.21
C THR B 179 -14.31 -17.16 34.00
N GLY B 180 -14.03 -18.43 34.24
CA GLY B 180 -14.99 -19.50 34.05
C GLY B 180 -16.15 -19.51 35.02
N ALA B 181 -15.98 -18.88 36.18
CA ALA B 181 -17.03 -18.82 37.19
C ALA B 181 -18.10 -17.79 36.81
N VAL B 182 -17.65 -16.56 36.63
CA VAL B 182 -18.56 -15.44 36.38
C VAL B 182 -19.08 -15.38 34.93
N ALA B 183 -18.29 -15.84 33.96
CA ALA B 183 -18.65 -15.79 32.55
C ALA B 183 -18.56 -17.18 31.91
N PRO B 184 -19.63 -17.98 32.02
CA PRO B 184 -19.62 -19.28 31.36
C PRO B 184 -19.87 -19.17 29.87
N SER B 185 -19.13 -19.94 29.09
CA SER B 185 -19.29 -19.94 27.65
C SER B 185 -20.18 -21.07 27.18
N ASP B 186 -21.19 -21.44 27.96
CA ASP B 186 -22.04 -22.58 27.61
C ASP B 186 -23.11 -22.23 26.58
N ASN B 187 -23.42 -20.94 26.45
CA ASN B 187 -24.44 -20.47 25.50
C ASN B 187 -23.91 -19.73 24.28
N ASN B 188 -22.64 -19.36 24.28
CA ASN B 188 -22.05 -18.64 23.14
C ASN B 188 -21.76 -19.58 21.97
N TYR B 189 -21.70 -19.03 20.75
CA TYR B 189 -21.05 -19.67 19.64
C TYR B 189 -19.57 -19.83 19.88
N LYS B 190 -19.09 -21.06 19.92
CA LYS B 190 -17.70 -21.33 20.27
C LYS B 190 -17.10 -22.36 19.35
N TYR B 191 -15.77 -22.35 19.27
CA TYR B 191 -15.00 -23.34 18.54
C TYR B 191 -13.94 -23.90 19.47
N ILE B 192 -13.84 -25.21 19.58
CA ILE B 192 -12.90 -25.84 20.48
C ILE B 192 -11.80 -26.47 19.63
N LEU B 193 -10.70 -25.74 19.49
CA LEU B 193 -9.60 -26.13 18.61
C LEU B 193 -8.70 -27.14 19.30
N ASP B 194 -8.39 -28.22 18.58
CA ASP B 194 -7.46 -29.24 19.04
C ASP B 194 -6.07 -28.89 18.54
N LEU B 195 -5.07 -29.07 19.41
CA LEU B 195 -3.70 -28.70 19.10
C LEU B 195 -2.75 -29.89 19.15
N THR B 196 -3.22 -31.07 18.79
CA THR B 196 -2.32 -32.23 18.73
C THR B 196 -1.64 -32.33 17.36
N ASN B 197 -2.39 -32.07 16.30
CA ASN B 197 -1.82 -31.89 14.96
C ASN B 197 -2.21 -30.56 14.34
N ASP B 198 -3.46 -30.17 14.51
CA ASP B 198 -3.99 -28.97 13.85
C ASP B 198 -3.47 -27.69 14.47
N THR B 199 -3.29 -26.69 13.62
CA THR B 199 -2.71 -25.41 14.03
C THR B 199 -3.67 -24.23 13.82
N GLU B 200 -4.16 -24.05 12.59
CA GLU B 200 -4.95 -22.88 12.25
C GLU B 200 -6.44 -23.12 12.33
N VAL B 201 -7.19 -22.02 12.44
CA VAL B 201 -8.64 -22.02 12.31
C VAL B 201 -9.05 -20.64 11.79
N THR B 202 -9.93 -20.61 10.79
CA THR B 202 -10.42 -19.35 10.24
C THR B 202 -11.84 -19.16 10.71
N ILE B 203 -12.10 -18.02 11.36
CA ILE B 203 -13.42 -17.71 11.90
C ILE B 203 -13.99 -16.51 11.16
N ARG B 204 -15.19 -16.66 10.61
CA ARG B 204 -15.86 -15.59 9.90
C ARG B 204 -17.07 -15.17 10.72
N VAL B 205 -16.94 -14.08 11.47
CA VAL B 205 -18.02 -13.54 12.28
C VAL B 205 -18.81 -12.56 11.42
N PRO B 206 -20.09 -12.84 11.15
CA PRO B 206 -20.88 -11.89 10.37
C PRO B 206 -21.24 -10.63 11.14
N PHE B 207 -22.02 -9.77 10.52
CA PHE B 207 -22.44 -8.54 11.19
C PHE B 207 -23.72 -8.83 11.95
N VAL B 208 -23.65 -8.82 13.28
CA VAL B 208 -24.82 -8.96 14.13
C VAL B 208 -24.87 -7.79 15.09
N SER B 209 -25.96 -7.03 15.02
CA SER B 209 -26.20 -5.92 15.93
C SER B 209 -27.67 -5.54 15.81
N ASN B 210 -28.13 -4.68 16.71
CA ASN B 210 -29.45 -4.09 16.57
C ASN B 210 -29.42 -2.80 15.74
N LYS B 211 -28.25 -2.45 15.21
CA LYS B 211 -28.07 -1.26 14.38
C LYS B 211 -27.75 -1.67 12.96
N MET B 212 -28.14 -0.84 12.01
CA MET B 212 -27.84 -1.14 10.61
C MET B 212 -26.36 -0.93 10.30
N PHE B 213 -25.72 -0.01 11.01
CA PHE B 213 -24.30 0.26 10.87
C PHE B 213 -23.73 0.57 12.23
N LEU B 214 -22.43 0.32 12.40
CA LEU B 214 -21.75 0.67 13.64
C LEU B 214 -20.79 1.82 13.39
N LYS B 215 -20.53 2.58 14.45
CA LYS B 215 -19.62 3.72 14.37
C LYS B 215 -18.19 3.28 14.08
N THR B 216 -17.42 4.18 13.49
CA THR B 216 -16.02 3.93 13.20
C THR B 216 -15.09 4.76 14.08
N ALA B 217 -15.60 5.24 15.21
CA ALA B 217 -14.79 6.06 16.12
C ALA B 217 -13.75 5.19 16.80
N GLY B 218 -14.20 4.17 17.52
CA GLY B 218 -13.30 3.20 18.12
C GLY B 218 -12.59 3.77 19.34
N ILE B 219 -11.28 3.58 19.40
CA ILE B 219 -10.48 3.95 20.54
C ILE B 219 -10.06 5.42 20.53
N TYR B 220 -10.50 6.17 19.51
CA TYR B 220 -10.10 7.57 19.35
C TYR B 220 -10.70 8.42 20.47
N GLY B 221 -9.84 8.93 21.34
CA GLY B 221 -10.27 9.79 22.44
C GLY B 221 -11.07 9.09 23.51
N ALA B 222 -10.92 7.77 23.62
CA ALA B 222 -11.65 6.98 24.58
C ALA B 222 -10.89 6.89 25.90
N ASN B 223 -11.59 7.18 26.99
CA ASN B 223 -11.00 7.13 28.33
C ASN B 223 -12.14 6.90 29.35
N SER B 224 -11.88 7.16 30.62
CA SER B 224 -12.92 7.07 31.65
C SER B 224 -14.02 8.11 31.46
N GLU B 225 -13.62 9.33 31.09
CA GLU B 225 -14.56 10.44 30.93
C GLU B 225 -15.41 10.33 29.66
N ASN B 226 -14.99 9.48 28.71
CA ASN B 226 -15.65 9.37 27.42
C ASN B 226 -15.41 7.96 26.89
N ASN B 227 -16.41 7.10 26.97
CA ASN B 227 -16.28 5.75 26.43
C ASN B 227 -17.52 5.22 25.72
N TRP B 228 -18.44 6.09 25.32
CA TRP B 228 -19.66 5.60 24.68
C TRP B 228 -19.41 5.14 23.25
N ASN B 229 -18.65 5.92 22.49
CA ASN B 229 -18.40 5.59 21.09
C ASN B 229 -17.51 4.38 20.92
N PHE B 230 -16.79 3.98 21.97
CA PHE B 230 -16.02 2.74 21.93
C PHE B 230 -16.95 1.54 21.90
N HIS B 231 -17.97 1.52 22.75
CA HIS B 231 -18.86 0.36 22.85
C HIS B 231 -19.75 0.23 21.63
N GLU B 232 -20.04 1.34 20.94
CA GLU B 232 -20.97 1.33 19.82
C GLU B 232 -20.24 1.19 18.48
N SER B 233 -19.05 0.59 18.50
CA SER B 233 -18.24 0.44 17.29
C SER B 233 -17.96 -1.00 16.89
N PHE B 234 -18.24 -1.96 17.76
CA PHE B 234 -17.78 -3.33 17.57
C PHE B 234 -18.89 -4.37 17.49
N SER B 235 -19.79 -4.37 18.46
CA SER B 235 -20.81 -5.42 18.64
C SER B 235 -20.19 -6.81 18.71
N GLY B 236 -19.44 -7.03 19.76
CA GLY B 236 -18.93 -8.34 20.07
C GLY B 236 -17.47 -8.35 20.42
N PHE B 237 -17.02 -9.49 20.94
CA PHE B 237 -15.62 -9.74 21.18
C PHE B 237 -15.37 -11.24 21.20
N LEU B 238 -14.34 -11.68 20.50
CA LEU B 238 -13.85 -13.05 20.65
C LEU B 238 -13.02 -13.13 21.92
N CYS B 239 -13.13 -14.25 22.61
CA CYS B 239 -12.36 -14.48 23.83
C CYS B 239 -11.69 -15.83 23.72
N ILE B 240 -10.38 -15.85 23.95
CA ILE B 240 -9.59 -17.07 23.83
C ILE B 240 -9.24 -17.55 25.23
N ARG B 241 -9.84 -18.67 25.63
CA ARG B 241 -9.58 -19.29 26.92
C ARG B 241 -9.18 -20.74 26.72
N PRO B 242 -8.26 -21.24 27.54
CA PRO B 242 -7.94 -22.67 27.48
C PRO B 242 -9.03 -23.55 28.09
N VAL B 243 -9.39 -24.61 27.38
CA VAL B 243 -10.21 -25.67 27.95
C VAL B 243 -9.30 -26.63 28.74
N THR B 244 -8.28 -27.15 28.07
CA THR B 244 -7.26 -27.96 28.71
C THR B 244 -6.00 -27.11 28.82
N LYS B 245 -5.34 -27.21 29.97
CA LYS B 245 -4.05 -26.55 30.21
C LYS B 245 -3.02 -27.05 29.20
N LEU B 246 -2.04 -26.20 28.88
CA LEU B 246 -1.04 -26.54 27.87
C LEU B 246 -0.16 -27.68 28.34
N MET B 247 -0.28 -28.81 27.66
CA MET B 247 0.49 -30.01 28.01
C MET B 247 1.75 -30.04 27.15
N ALA B 248 2.91 -29.98 27.79
CA ALA B 248 4.17 -29.95 27.06
C ALA B 248 5.25 -30.69 27.83
N PRO B 249 6.11 -31.45 27.12
CA PRO B 249 7.26 -32.08 27.79
C PRO B 249 8.31 -31.07 28.27
N ASP B 250 9.32 -31.56 28.98
CA ASP B 250 10.39 -30.69 29.45
C ASP B 250 11.45 -30.39 28.39
N THR B 251 11.50 -31.21 27.33
CA THR B 251 12.47 -31.02 26.27
C THR B 251 12.03 -30.02 25.20
N VAL B 252 10.82 -29.49 25.33
CA VAL B 252 10.35 -28.39 24.47
C VAL B 252 10.22 -27.15 25.32
N SER B 253 9.86 -26.05 24.66
CA SER B 253 9.68 -24.78 25.37
C SER B 253 8.43 -24.81 26.23
N ASP B 254 8.43 -23.99 27.27
CA ASP B 254 7.26 -23.86 28.15
C ASP B 254 6.26 -22.80 27.66
N ASN B 255 6.42 -22.32 26.44
CA ASN B 255 5.52 -21.32 25.85
C ASN B 255 5.07 -21.79 24.49
N VAL B 256 3.86 -21.38 24.11
CA VAL B 256 3.48 -21.31 22.72
C VAL B 256 3.02 -19.88 22.47
N SER B 257 2.89 -19.52 21.20
CA SER B 257 2.41 -18.21 20.83
C SER B 257 1.18 -18.35 19.95
N ILE B 258 0.19 -17.50 20.22
CA ILE B 258 -1.05 -17.49 19.46
C ILE B 258 -1.06 -16.21 18.62
N VAL B 259 -0.95 -16.39 17.30
CA VAL B 259 -0.88 -15.28 16.37
C VAL B 259 -2.25 -15.12 15.72
N VAL B 260 -2.83 -13.93 15.83
CA VAL B 260 -4.17 -13.67 15.31
C VAL B 260 -4.07 -12.71 14.14
N TRP B 261 -4.44 -13.19 12.96
CA TRP B 261 -4.54 -12.37 11.76
C TRP B 261 -5.95 -11.79 11.67
N LYS B 262 -6.08 -10.64 11.02
CA LYS B 262 -7.35 -9.94 10.92
C LYS B 262 -7.55 -9.35 9.54
N TRP B 263 -8.68 -9.64 8.93
CA TRP B 263 -9.12 -8.94 7.74
C TRP B 263 -10.64 -8.87 7.74
N ALA B 264 -11.22 -8.44 6.62
CA ALA B 264 -12.66 -8.22 6.55
C ALA B 264 -13.19 -8.56 5.17
N GLU B 265 -14.43 -9.02 5.12
CA GLU B 265 -15.12 -9.33 3.87
C GLU B 265 -16.49 -8.68 3.88
N ASP B 266 -17.06 -8.51 2.68
CA ASP B 266 -18.39 -7.92 2.47
C ASP B 266 -18.53 -6.54 3.10
N VAL B 267 -17.56 -5.68 2.79
CA VAL B 267 -17.43 -4.40 3.48
C VAL B 267 -18.29 -3.35 2.79
N VAL B 268 -19.16 -2.71 3.57
CA VAL B 268 -19.82 -1.49 3.13
C VAL B 268 -19.55 -0.40 4.17
N VAL B 269 -19.42 0.83 3.67
CA VAL B 269 -19.19 2.02 4.51
C VAL B 269 -20.22 3.06 4.09
N VAL B 270 -20.39 4.10 4.91
CA VAL B 270 -21.53 4.98 4.79
C VAL B 270 -21.15 6.38 4.32
N GLU B 271 -20.43 7.11 5.16
CA GLU B 271 -20.33 8.54 5.00
C GLU B 271 -18.86 8.94 4.83
N PRO B 272 -18.54 9.68 3.76
CA PRO B 272 -17.14 10.04 3.52
C PRO B 272 -16.64 11.23 4.36
N LYS B 273 -16.81 11.13 5.67
CA LYS B 273 -16.29 12.07 6.63
C LYS B 273 -15.91 11.26 7.85
N PRO B 274 -14.73 11.49 8.41
CA PRO B 274 -14.36 10.77 9.64
C PRO B 274 -15.21 11.21 10.83
N LEU B 275 -15.51 10.27 11.70
CA LEU B 275 -16.31 10.54 12.90
C LEU B 275 -15.47 11.07 14.07
N THR B 276 -14.15 11.11 13.89
CA THR B 276 -13.23 11.52 14.95
C THR B 276 -13.33 13.02 15.19
N SER B 277 -12.82 13.47 16.34
CA SER B 277 -12.83 14.89 16.67
C SER B 277 -11.83 15.70 15.83
N GLY B 278 -10.63 15.14 15.63
CA GLY B 278 -9.60 15.78 14.83
C GLY B 278 -9.57 15.19 13.43
N PRO B 279 -8.71 15.74 12.56
CA PRO B 279 -8.57 15.17 11.22
C PRO B 279 -7.86 13.82 11.26
N THR B 280 -7.94 13.09 10.16
CA THR B 280 -7.12 11.90 9.99
C THR B 280 -5.68 12.37 9.79
N GLN B 281 -4.82 12.05 10.75
CA GLN B 281 -3.43 12.48 10.72
C GLN B 281 -2.53 11.28 10.88
N VAL B 282 -1.61 11.10 9.94
CA VAL B 282 -0.66 10.02 9.99
C VAL B 282 0.44 10.38 11.00
N TYR B 283 0.69 9.48 11.94
CA TYR B 283 1.72 9.71 12.94
C TYR B 283 3.10 9.54 12.32
N ARG B 284 3.83 10.63 12.18
CA ARG B 284 5.22 10.59 11.74
C ARG B 284 6.10 10.47 12.99
N PRO B 285 6.84 9.36 13.12
CA PRO B 285 7.64 9.17 14.34
C PRO B 285 8.81 10.15 14.42
N PRO B 286 8.93 10.86 15.55
CA PRO B 286 10.00 11.84 15.72
C PRO B 286 11.38 11.19 15.79
N PRO B 287 12.45 11.95 15.54
CA PRO B 287 13.79 11.35 15.64
C PRO B 287 14.22 10.93 17.04
N THR B 288 13.97 11.78 18.04
CA THR B 288 14.39 11.51 19.41
C THR B 288 13.15 11.52 20.29
N ALA B 289 13.20 10.77 21.40
CA ALA B 289 12.09 10.69 22.36
C ALA B 289 11.71 12.03 22.99
N SER B 290 12.67 12.95 23.10
CA SER B 290 12.41 14.26 23.70
C SER B 290 11.67 15.22 22.77
N THR B 291 11.74 15.00 21.46
CA THR B 291 11.17 15.94 20.49
C THR B 291 9.65 15.76 20.36
N ALA B 292 9.02 16.69 19.67
CA ALA B 292 7.56 16.77 19.58
C ALA B 292 7.05 16.38 18.19
N VAL B 293 5.73 16.42 18.04
CA VAL B 293 5.06 16.00 16.80
C VAL B 293 4.31 17.17 16.18
N GLU B 294 3.64 16.92 15.05
CA GLU B 294 2.78 17.91 14.42
C GLU B 294 1.39 17.87 15.04
N VAL B 295 0.86 19.04 15.38
CA VAL B 295 -0.48 19.17 15.94
C VAL B 295 -1.34 19.92 14.93
N LEU B 296 -2.27 19.22 14.29
CA LEU B 296 -3.18 19.82 13.34
C LEU B 296 -4.35 20.46 14.07
N ASN B 297 -4.68 21.69 13.70
CA ASN B 297 -5.76 22.43 14.34
C ASN B 297 -7.12 22.07 13.75
N VAL B 298 -8.16 22.75 14.24
CA VAL B 298 -9.49 22.65 13.64
C VAL B 298 -10.12 24.00 13.30
N GLU B 299 -9.48 25.11 13.67
CA GLU B 299 -10.03 26.42 13.34
C GLU B 299 -9.81 26.74 11.86
N LEU B 300 -10.75 27.47 11.29
CA LEU B 300 -10.76 27.75 9.85
C LEU B 300 -10.25 29.14 9.52
N ASN C 1 38.27 -26.64 -60.28
CA ASN C 1 38.77 -25.45 -59.55
C ASN C 1 39.87 -25.89 -58.59
N VAL C 2 40.71 -24.95 -58.17
CA VAL C 2 41.85 -25.23 -57.30
C VAL C 2 41.43 -25.58 -55.88
N HIS C 3 42.35 -26.19 -55.14
CA HIS C 3 42.10 -26.66 -53.78
C HIS C 3 42.97 -25.92 -52.78
N ASN C 4 42.46 -25.79 -51.56
CA ASN C 4 43.24 -25.36 -50.39
C ASN C 4 43.82 -23.94 -50.50
N THR C 5 43.24 -23.10 -51.32
CA THR C 5 43.74 -21.74 -51.50
C THR C 5 42.69 -20.84 -52.11
N GLU C 6 42.97 -19.54 -52.11
CA GLU C 6 42.17 -18.54 -52.81
C GLU C 6 43.09 -17.58 -53.53
N LEU C 7 42.52 -16.89 -54.52
CA LEU C 7 43.26 -15.97 -55.36
C LEU C 7 42.51 -14.63 -55.40
N ALA C 8 43.03 -13.68 -56.16
CA ALA C 8 42.32 -12.42 -56.43
C ALA C 8 41.25 -12.66 -57.49
N SER C 9 40.03 -12.23 -57.22
CA SER C 9 38.89 -12.60 -58.04
C SER C 9 38.15 -11.45 -58.72
N SER C 10 38.17 -10.26 -58.11
CA SER C 10 37.46 -9.08 -58.61
C SER C 10 35.97 -9.33 -58.77
N THR C 11 35.30 -9.49 -57.63
CA THR C 11 33.89 -9.89 -57.59
C THR C 11 33.02 -8.63 -57.61
N SER C 12 31.72 -8.76 -57.31
CA SER C 12 30.77 -7.67 -57.48
C SER C 12 30.88 -6.62 -56.37
N GLU C 13 30.21 -5.50 -56.57
CA GLU C 13 30.35 -4.30 -55.72
C GLU C 13 29.24 -4.24 -54.65
N ASN C 14 29.25 -5.22 -53.76
CA ASN C 14 28.11 -5.49 -52.90
C ASN C 14 28.59 -5.93 -51.52
N SER C 15 27.74 -6.68 -50.80
CA SER C 15 28.05 -7.27 -49.51
C SER C 15 28.27 -6.22 -48.44
N VAL C 16 27.22 -5.45 -48.19
CA VAL C 16 27.03 -4.80 -46.93
C VAL C 16 26.59 -5.94 -46.00
N GLU C 17 27.53 -6.53 -45.28
CA GLU C 17 27.29 -7.79 -44.55
C GLU C 17 27.29 -7.54 -43.06
N THR C 18 26.42 -8.23 -42.34
CA THR C 18 26.16 -7.95 -40.94
C THR C 18 26.53 -9.14 -40.07
N GLN C 19 27.47 -8.95 -39.16
CA GLN C 19 27.77 -9.94 -38.12
C GLN C 19 27.06 -9.59 -36.82
N GLU C 20 25.74 -9.39 -36.93
CA GLU C 20 24.81 -9.13 -35.81
C GLU C 20 24.91 -7.79 -35.06
N ILE C 21 26.08 -7.18 -35.07
CA ILE C 21 26.27 -5.83 -34.59
C ILE C 21 27.02 -5.02 -35.66
N THR C 22 28.05 -5.62 -36.24
CA THR C 22 29.03 -4.94 -37.05
C THR C 22 28.75 -5.13 -38.54
N THR C 23 28.69 -4.01 -39.25
CA THR C 23 28.69 -3.99 -40.72
C THR C 23 29.62 -2.83 -41.12
N PHE C 24 30.78 -3.01 -41.79
CA PHE C 24 31.21 -3.93 -42.90
C PHE C 24 30.60 -3.57 -44.25
N HIS C 25 31.03 -2.42 -44.78
CA HIS C 25 30.63 -2.01 -46.12
C HIS C 25 31.26 -2.86 -47.21
N ASP C 26 32.58 -2.85 -47.27
CA ASP C 26 33.37 -3.70 -48.20
C ASP C 26 33.04 -3.49 -49.68
N VAL C 27 33.68 -2.47 -50.26
CA VAL C 27 33.51 -2.00 -51.66
C VAL C 27 33.29 -3.09 -52.74
N GLU C 28 33.96 -4.22 -52.57
CA GLU C 28 33.65 -5.42 -53.31
C GLU C 28 33.58 -6.56 -52.31
N THR C 29 32.96 -7.66 -52.71
CA THR C 29 32.70 -8.75 -51.80
C THR C 29 34.01 -9.48 -51.53
N PRO C 30 34.35 -9.71 -50.26
CA PRO C 30 35.65 -10.31 -49.95
C PRO C 30 35.71 -11.80 -50.32
N ASN C 31 36.85 -12.23 -50.83
CA ASN C 31 36.98 -13.61 -51.29
C ASN C 31 37.21 -14.55 -50.09
N ARG C 32 36.39 -15.59 -50.02
CA ARG C 32 36.32 -16.47 -48.87
C ARG C 32 37.16 -17.73 -49.05
N ILE C 33 37.95 -18.05 -48.04
CA ILE C 33 38.55 -19.38 -47.91
C ILE C 33 37.95 -20.02 -46.67
N ASP C 34 37.60 -21.30 -46.77
CA ASP C 34 36.96 -22.00 -45.69
C ASP C 34 37.26 -23.49 -45.81
N THR C 35 36.79 -24.26 -44.83
CA THR C 35 36.81 -25.71 -44.92
C THR C 35 35.88 -26.13 -46.06
N PRO C 36 36.40 -26.89 -47.04
CA PRO C 36 35.61 -27.19 -48.24
C PRO C 36 34.36 -28.04 -48.01
N MET C 37 34.36 -28.88 -46.97
CA MET C 37 33.19 -29.67 -46.63
C MET C 37 33.25 -29.98 -45.15
N ALA C 38 32.47 -29.26 -44.36
CA ALA C 38 32.68 -29.16 -42.92
C ALA C 38 32.08 -30.34 -42.14
N GLN C 39 32.86 -30.89 -41.22
CA GLN C 39 32.49 -32.05 -40.40
C GLN C 39 33.07 -31.82 -39.00
N ASP C 40 32.80 -30.64 -38.46
CA ASP C 40 33.78 -29.84 -37.70
C ASP C 40 34.73 -30.47 -36.65
N THR C 41 34.22 -30.84 -35.48
CA THR C 41 35.11 -31.14 -34.33
C THR C 41 34.43 -32.15 -33.39
N SER C 42 34.79 -32.11 -32.10
CA SER C 42 34.36 -33.01 -31.03
C SER C 42 32.86 -32.97 -30.72
N SER C 43 32.47 -33.78 -29.74
CA SER C 43 31.08 -33.99 -29.37
C SER C 43 30.63 -33.12 -28.20
N ALA C 44 30.98 -31.84 -28.22
CA ALA C 44 30.51 -30.90 -27.21
C ALA C 44 29.00 -30.66 -27.29
N ARG C 45 28.40 -30.92 -28.45
CA ARG C 45 26.95 -30.83 -28.58
C ARG C 45 26.22 -32.02 -27.98
N ASN C 46 26.93 -33.10 -27.69
CA ASN C 46 26.32 -34.29 -27.11
C ASN C 46 26.44 -34.36 -25.59
N MET C 47 27.26 -33.48 -25.00
CA MET C 47 27.43 -33.46 -23.56
C MET C 47 26.27 -32.76 -22.85
N ASP C 48 25.96 -31.55 -23.30
CA ASP C 48 24.92 -30.72 -22.70
C ASP C 48 24.51 -29.66 -23.71
N ASP C 49 23.52 -28.85 -23.35
CA ASP C 49 23.15 -27.70 -24.16
C ASP C 49 22.45 -26.64 -23.28
N THR C 50 22.81 -25.37 -23.41
CA THR C 50 24.02 -24.88 -24.10
C THR C 50 25.01 -24.10 -23.20
N HIS C 51 24.66 -23.02 -22.48
CA HIS C 51 23.32 -22.39 -22.31
C HIS C 51 23.32 -21.01 -22.95
N SER C 52 22.19 -20.31 -22.85
CA SER C 52 22.07 -18.94 -23.33
C SER C 52 22.39 -17.96 -22.20
N ILE C 53 22.09 -16.69 -22.41
CA ILE C 53 22.48 -15.64 -21.46
C ILE C 53 21.37 -15.28 -20.47
N ILE C 54 20.12 -15.44 -20.86
CA ILE C 54 18.99 -15.29 -19.93
C ILE C 54 18.65 -16.61 -19.24
N GLN C 55 19.41 -17.66 -19.57
CA GLN C 55 19.32 -18.95 -18.91
C GLN C 55 20.50 -19.18 -17.97
N PHE C 56 21.57 -18.39 -18.13
CA PHE C 56 22.62 -18.31 -17.13
C PHE C 56 22.14 -17.53 -15.91
N LEU C 57 21.37 -16.47 -16.15
CA LEU C 57 20.93 -15.56 -15.09
C LEU C 57 19.80 -16.13 -14.23
N GLN C 58 19.23 -17.27 -14.64
CA GLN C 58 18.19 -17.94 -13.86
C GLN C 58 18.76 -19.00 -12.92
N ARG C 59 20.06 -18.97 -12.64
CA ARG C 59 20.66 -19.94 -11.74
C ARG C 59 20.61 -19.41 -10.31
N PRO C 60 20.19 -20.26 -9.36
CA PRO C 60 20.20 -19.82 -7.97
C PRO C 60 21.61 -19.68 -7.42
N VAL C 61 21.79 -18.74 -6.51
CA VAL C 61 23.07 -18.52 -5.84
C VAL C 61 22.88 -18.35 -4.34
N LEU C 62 23.84 -18.81 -3.55
CA LEU C 62 23.90 -18.45 -2.14
C LEU C 62 24.15 -16.96 -2.01
N ILE C 63 23.38 -16.31 -1.15
CA ILE C 63 23.59 -14.91 -0.85
C ILE C 63 23.93 -14.71 0.61
N ASP C 64 23.11 -15.27 1.50
CA ASP C 64 23.39 -15.17 2.91
C ASP C 64 23.06 -16.47 3.61
N ASN C 65 23.62 -16.64 4.80
CA ASN C 65 23.41 -17.82 5.61
C ASN C 65 23.23 -17.38 7.05
N ILE C 66 21.98 -17.26 7.48
CA ILE C 66 21.64 -16.77 8.80
C ILE C 66 21.68 -17.94 9.80
N GLU C 67 22.09 -17.66 11.02
CA GLU C 67 21.99 -18.61 12.13
C GLU C 67 21.47 -17.87 13.37
N ILE C 68 20.42 -18.40 13.98
CA ILE C 68 19.80 -17.78 15.16
C ILE C 68 19.86 -18.76 16.32
N ILE C 69 20.67 -18.43 17.32
CA ILE C 69 20.79 -19.23 18.54
C ILE C 69 19.97 -18.57 19.63
N ALA C 70 19.05 -19.33 20.23
CA ALA C 70 18.17 -18.83 21.28
C ALA C 70 18.51 -19.48 22.62
N GLY C 71 18.92 -18.70 23.62
CA GLY C 71 19.21 -17.26 23.52
C GLY C 71 18.00 -16.34 23.66
N THR C 72 18.12 -15.05 23.30
CA THR C 72 19.38 -14.43 22.85
C THR C 72 19.40 -12.99 23.38
N THR C 73 20.57 -12.53 23.79
CA THR C 73 20.72 -11.12 24.17
C THR C 73 20.88 -10.21 22.94
N ALA C 74 21.07 -10.79 21.76
CA ALA C 74 21.32 -10.04 20.53
C ALA C 74 20.01 -9.51 19.94
N ASP C 75 20.07 -8.98 18.73
CA ASP C 75 18.98 -8.22 18.14
C ASP C 75 18.09 -9.00 17.16
N ALA C 76 18.63 -10.02 16.50
CA ALA C 76 17.86 -10.78 15.51
C ALA C 76 16.79 -11.69 16.14
N ASN C 77 16.86 -11.93 17.44
CA ASN C 77 15.84 -12.69 18.14
C ASN C 77 14.76 -11.78 18.74
N LYS C 78 15.00 -10.46 18.74
CA LYS C 78 14.03 -9.51 19.26
C LYS C 78 12.87 -9.37 18.26
N PRO C 79 11.63 -9.69 18.68
CA PRO C 79 10.52 -9.72 17.72
C PRO C 79 9.99 -8.33 17.37
N LEU C 80 8.93 -8.29 16.57
CA LEU C 80 8.30 -7.05 16.17
C LEU C 80 7.62 -6.38 17.36
N SER C 81 8.02 -5.15 17.64
CA SER C 81 7.33 -4.35 18.64
C SER C 81 5.96 -3.96 18.12
N ARG C 82 5.02 -3.79 19.04
CA ARG C 82 3.65 -3.46 18.67
C ARG C 82 3.53 -2.01 18.16
N TYR C 83 4.39 -1.12 18.67
CA TYR C 83 4.37 0.28 18.27
C TYR C 83 5.77 0.79 18.01
N VAL C 84 5.85 1.89 17.26
CA VAL C 84 7.07 2.67 17.09
C VAL C 84 6.72 4.08 17.50
N LEU C 85 7.28 4.52 18.61
CA LEU C 85 7.00 5.85 19.14
C LEU C 85 8.01 6.90 18.66
N ASP C 86 9.22 6.47 18.33
CA ASP C 86 10.24 7.37 17.78
C ASP C 86 11.21 6.58 16.91
N GLN C 87 12.05 7.29 16.17
CA GLN C 87 12.94 6.65 15.19
C GLN C 87 14.11 5.90 15.81
N GLN C 88 14.37 6.12 17.10
CA GLN C 88 15.37 5.33 17.81
C GLN C 88 14.81 4.03 18.37
N ASN C 89 13.53 3.76 18.12
CA ASN C 89 12.88 2.51 18.51
C ASN C 89 12.24 1.88 17.28
N SER C 90 13.03 1.76 16.22
CA SER C 90 12.56 1.22 14.95
C SER C 90 12.30 -0.28 15.06
N GLN C 91 11.68 -0.85 14.04
CA GLN C 91 11.46 -2.29 13.98
C GLN C 91 12.79 -2.98 13.72
N LYS C 92 13.12 -3.96 14.55
CA LYS C 92 14.33 -4.74 14.37
C LYS C 92 14.06 -5.89 13.42
N TYR C 93 15.06 -6.18 12.60
CA TYR C 93 14.94 -7.21 11.58
C TYR C 93 16.14 -8.14 11.66
N VAL C 94 15.96 -9.36 11.15
CA VAL C 94 17.03 -10.34 11.15
C VAL C 94 18.09 -9.95 10.13
N ARG C 95 17.67 -9.75 8.88
CA ARG C 95 18.59 -9.37 7.84
C ARG C 95 17.87 -8.62 6.75
N SER C 96 18.55 -7.65 6.14
CA SER C 96 18.01 -6.92 4.98
C SER C 96 18.81 -7.27 3.74
N TRP C 97 18.17 -7.14 2.58
CA TRP C 97 18.84 -7.35 1.29
C TRP C 97 18.32 -6.34 0.30
N THR C 98 19.17 -5.40 -0.08
CA THR C 98 18.84 -4.47 -1.15
C THR C 98 18.79 -5.21 -2.49
N LEU C 99 17.91 -4.78 -3.38
CA LEU C 99 17.67 -5.48 -4.63
C LEU C 99 17.49 -4.48 -5.77
N PRO C 100 17.86 -4.88 -7.00
CA PRO C 100 18.49 -6.12 -7.45
C PRO C 100 20.01 -6.11 -7.32
N SER C 101 20.58 -5.12 -6.65
CA SER C 101 22.02 -4.94 -6.63
C SER C 101 22.78 -5.98 -5.78
N THR C 102 22.08 -6.85 -5.06
CA THR C 102 22.74 -7.95 -4.37
C THR C 102 22.90 -9.16 -5.28
N VAL C 103 21.83 -9.51 -5.99
CA VAL C 103 21.83 -10.69 -6.83
C VAL C 103 22.65 -10.49 -8.11
N LEU C 104 22.78 -9.25 -8.58
CA LEU C 104 23.62 -8.97 -9.75
C LEU C 104 25.11 -9.09 -9.45
N ARG C 105 25.52 -8.78 -8.23
CA ARG C 105 26.93 -8.88 -7.85
C ARG C 105 27.36 -10.32 -7.59
N ALA C 106 26.47 -11.12 -7.00
CA ALA C 106 26.85 -12.42 -6.48
C ALA C 106 26.74 -13.52 -7.52
N GLY C 107 27.62 -14.50 -7.41
CA GLY C 107 27.56 -15.73 -8.18
C GLY C 107 28.04 -15.66 -9.62
N GLY C 108 28.82 -14.61 -9.93
CA GLY C 108 29.33 -14.41 -11.27
C GLY C 108 28.30 -13.97 -12.29
N LYS C 109 27.23 -13.34 -11.83
CA LYS C 109 26.25 -12.74 -12.75
C LYS C 109 26.69 -11.37 -13.25
N ALA C 110 27.71 -10.79 -12.62
CA ALA C 110 28.23 -9.49 -13.04
C ALA C 110 28.96 -9.55 -14.39
N GLN C 111 29.61 -10.67 -14.69
CA GLN C 111 30.32 -10.82 -15.97
C GLN C 111 29.35 -11.00 -17.14
N LYS C 112 28.25 -11.69 -16.91
CA LYS C 112 27.35 -12.06 -18.01
C LYS C 112 26.29 -11.02 -18.31
N LEU C 113 26.31 -9.90 -17.59
CA LEU C 113 25.56 -8.71 -18.01
C LEU C 113 26.41 -7.44 -17.97
N ALA C 114 27.73 -7.61 -18.02
CA ALA C 114 28.61 -6.53 -18.41
C ALA C 114 28.49 -6.31 -19.92
N ASN C 115 28.84 -5.10 -20.36
CA ASN C 115 28.70 -4.65 -21.74
C ASN C 115 27.27 -4.76 -22.28
N PHE C 116 26.29 -4.55 -21.40
CA PHE C 116 24.91 -4.27 -21.77
C PHE C 116 24.51 -3.02 -21.01
N LYS C 117 23.32 -2.48 -21.32
CA LYS C 117 22.89 -1.24 -20.71
C LYS C 117 21.62 -1.38 -19.88
N TYR C 118 20.58 -2.00 -20.44
CA TYR C 118 19.28 -2.03 -19.79
C TYR C 118 18.87 -3.44 -19.42
N LEU C 119 17.98 -3.56 -18.43
CA LEU C 119 17.59 -4.87 -17.90
C LEU C 119 16.16 -4.85 -17.39
N ARG C 120 15.42 -5.92 -17.67
CA ARG C 120 14.23 -6.27 -16.90
C ARG C 120 14.54 -7.55 -16.15
N CYS C 121 13.95 -7.69 -14.97
CA CYS C 121 14.11 -8.89 -14.18
C CYS C 121 13.04 -8.94 -13.10
N ASP C 122 12.72 -10.16 -12.68
CA ASP C 122 11.96 -10.40 -11.47
C ASP C 122 12.87 -11.20 -10.55
N VAL C 123 13.17 -10.63 -9.39
CA VAL C 123 14.09 -11.28 -8.46
C VAL C 123 13.33 -12.38 -7.75
N GLN C 124 13.53 -13.63 -8.20
CA GLN C 124 13.01 -14.79 -7.49
C GLN C 124 13.82 -14.98 -6.21
N VAL C 125 13.14 -15.29 -5.12
CA VAL C 125 13.78 -15.52 -3.82
C VAL C 125 13.27 -16.84 -3.27
N LYS C 126 14.17 -17.66 -2.75
CA LYS C 126 13.79 -18.86 -2.01
C LYS C 126 14.57 -18.93 -0.71
N LEU C 127 13.86 -19.02 0.41
CA LEU C 127 14.48 -19.29 1.69
C LEU C 127 14.50 -20.79 1.94
N VAL C 128 15.53 -21.24 2.66
CA VAL C 128 15.62 -22.63 3.09
C VAL C 128 15.85 -22.61 4.60
N LEU C 129 14.94 -23.27 5.32
CA LEU C 129 14.94 -23.31 6.77
C LEU C 129 15.14 -24.74 7.22
N ASN C 130 15.81 -24.93 8.36
CA ASN C 130 16.00 -26.26 8.89
C ASN C 130 16.28 -26.21 10.38
N ALA C 131 15.29 -26.60 11.18
CA ALA C 131 15.44 -26.69 12.63
C ALA C 131 14.95 -28.04 13.12
N ASN C 132 15.43 -28.45 14.30
CA ASN C 132 15.00 -29.71 14.91
C ASN C 132 13.54 -29.62 15.35
N PRO C 133 12.83 -30.76 15.48
CA PRO C 133 11.42 -30.67 15.85
C PRO C 133 11.07 -30.18 17.26
N PHE C 134 12.05 -29.86 18.10
CA PHE C 134 11.78 -29.35 19.44
C PHE C 134 11.90 -27.82 19.52
N VAL C 135 11.96 -27.14 18.37
CA VAL C 135 12.09 -25.69 18.32
C VAL C 135 10.99 -25.13 17.42
N ALA C 136 10.19 -24.22 17.96
CA ALA C 136 9.11 -23.56 17.23
C ALA C 136 9.42 -22.08 17.08
N GLY C 137 8.66 -21.43 16.20
CA GLY C 137 8.85 -20.02 15.89
C GLY C 137 8.21 -19.67 14.58
N ARG C 138 8.01 -18.38 14.35
CA ARG C 138 7.39 -17.90 13.13
C ARG C 138 8.07 -16.61 12.71
N MET C 139 8.32 -16.48 11.41
CA MET C 139 8.98 -15.31 10.84
C MET C 139 8.18 -14.81 9.65
N TYR C 140 8.49 -13.60 9.21
CA TYR C 140 7.77 -12.98 8.11
C TYR C 140 8.75 -12.31 7.17
N LEU C 141 8.62 -12.59 5.88
CA LEU C 141 9.54 -12.11 4.85
C LEU C 141 8.80 -11.13 3.94
N ALA C 142 8.78 -9.86 4.36
CA ALA C 142 8.16 -8.80 3.56
C ALA C 142 9.22 -8.05 2.76
N TYR C 143 8.80 -7.42 1.67
CA TYR C 143 9.67 -6.54 0.89
C TYR C 143 9.03 -5.17 0.76
N SER C 144 9.85 -4.14 0.93
CA SER C 144 9.38 -2.75 0.86
C SER C 144 10.05 -2.03 -0.30
N PRO C 145 9.30 -1.74 -1.37
CA PRO C 145 9.87 -1.00 -2.49
C PRO C 145 10.13 0.46 -2.13
N TYR C 146 11.27 0.98 -2.57
CA TYR C 146 11.72 2.35 -2.30
C TYR C 146 11.79 2.66 -0.80
N ASP C 147 12.24 1.69 -0.01
CA ASP C 147 12.23 1.85 1.43
C ASP C 147 13.33 2.79 1.92
N ASP C 148 14.46 2.81 1.21
CA ASP C 148 15.54 3.72 1.52
C ASP C 148 15.48 4.98 0.63
N LYS C 149 14.36 5.20 -0.05
CA LYS C 149 14.14 6.39 -0.86
C LYS C 149 13.11 7.34 -0.26
N VAL C 150 12.00 6.78 0.19
CA VAL C 150 10.87 7.55 0.72
C VAL C 150 11.18 8.26 2.01
N ASP C 151 10.26 9.14 2.43
CA ASP C 151 10.32 9.78 3.73
C ASP C 151 10.28 8.71 4.83
N THR C 152 10.91 9.03 5.96
CA THR C 152 11.12 8.08 7.05
C THR C 152 9.83 7.49 7.60
N ALA C 153 8.78 8.32 7.68
CA ALA C 153 7.46 7.84 8.11
C ALA C 153 6.79 6.88 7.13
N ARG C 154 7.26 6.84 5.88
CA ARG C 154 6.73 5.91 4.87
C ARG C 154 7.52 4.61 4.79
N SER C 155 8.44 4.35 5.72
CA SER C 155 9.25 3.14 5.68
C SER C 155 8.55 1.98 6.37
N VAL C 156 9.11 0.80 6.23
CA VAL C 156 8.62 -0.37 6.93
C VAL C 156 9.19 -0.48 8.34
N LEU C 157 10.38 0.08 8.56
CA LEU C 157 10.99 0.04 9.88
C LEU C 157 10.46 1.08 10.84
N GLN C 158 9.56 1.94 10.37
CA GLN C 158 9.01 3.03 11.17
C GLN C 158 7.49 2.92 11.28
N THR C 159 6.98 1.69 11.30
CA THR C 159 5.55 1.46 11.44
C THR C 159 5.33 0.33 12.43
N SER C 160 4.07 0.12 12.78
CA SER C 160 3.69 -0.81 13.84
C SER C 160 3.83 -2.26 13.39
N ARG C 161 3.54 -3.19 14.29
CA ARG C 161 3.56 -4.61 13.96
C ARG C 161 2.45 -4.96 12.96
N ALA C 162 1.29 -4.35 13.12
CA ALA C 162 0.16 -4.58 12.21
C ALA C 162 0.37 -3.88 10.86
N GLY C 163 1.32 -2.96 10.78
CA GLY C 163 1.67 -2.28 9.53
C GLY C 163 2.80 -2.95 8.79
N VAL C 164 3.75 -3.53 9.52
CA VAL C 164 4.84 -4.27 8.91
C VAL C 164 4.31 -5.48 8.16
N THR C 165 3.46 -6.24 8.83
CA THR C 165 2.89 -7.45 8.25
C THR C 165 1.77 -7.19 7.24
N GLY C 166 1.41 -5.93 7.04
CA GLY C 166 0.54 -5.56 5.93
C GLY C 166 1.26 -5.37 4.60
N TYR C 167 2.56 -5.62 4.55
CA TYR C 167 3.31 -5.53 3.31
C TYR C 167 3.18 -6.87 2.56
N PRO C 168 3.57 -6.91 1.28
CA PRO C 168 3.59 -8.21 0.60
C PRO C 168 4.64 -9.14 1.18
N GLY C 169 4.21 -10.26 1.74
CA GLY C 169 5.13 -11.15 2.42
C GLY C 169 4.65 -12.59 2.45
N VAL C 170 5.29 -13.38 3.30
CA VAL C 170 4.91 -14.77 3.49
C VAL C 170 5.33 -15.21 4.89
N GLU C 171 4.50 -16.00 5.55
CA GLU C 171 4.86 -16.62 6.83
C GLU C 171 5.96 -17.66 6.63
N LEU C 172 6.81 -17.81 7.63
CA LEU C 172 7.81 -18.86 7.66
C LEU C 172 7.72 -19.54 9.03
N ASP C 173 6.79 -20.48 9.16
CA ASP C 173 6.67 -21.25 10.39
C ASP C 173 7.73 -22.34 10.39
N PHE C 174 8.35 -22.55 11.55
CA PHE C 174 9.47 -23.47 11.64
C PHE C 174 9.08 -24.93 11.48
N GLN C 175 7.81 -25.25 11.76
CA GLN C 175 7.36 -26.64 11.75
C GLN C 175 6.22 -26.89 10.77
N LEU C 176 5.98 -25.96 9.85
CA LEU C 176 5.01 -26.19 8.77
C LEU C 176 5.58 -26.04 7.37
N ASP C 177 6.53 -25.14 7.16
CA ASP C 177 7.12 -24.95 5.84
C ASP C 177 8.59 -24.58 5.99
N ASN C 178 9.46 -25.51 5.65
CA ASN C 178 10.90 -25.29 5.67
C ASN C 178 11.41 -24.47 4.49
N SER C 179 10.57 -24.15 3.52
CA SER C 179 10.99 -23.30 2.42
C SER C 179 9.83 -22.50 1.90
N VAL C 180 10.08 -21.22 1.63
CA VAL C 180 9.12 -20.35 1.01
C VAL C 180 9.75 -19.74 -0.22
N GLU C 181 8.93 -19.44 -1.21
CA GLU C 181 9.38 -18.78 -2.43
C GLU C 181 8.62 -17.48 -2.61
N MET C 182 9.21 -16.55 -3.34
CA MET C 182 8.61 -15.25 -3.52
C MET C 182 9.14 -14.58 -4.78
N THR C 183 8.22 -14.11 -5.61
CA THR C 183 8.55 -13.38 -6.82
C THR C 183 8.40 -11.89 -6.55
N ILE C 184 9.48 -11.14 -6.75
CA ILE C 184 9.49 -9.70 -6.57
C ILE C 184 9.53 -9.09 -7.97
N PRO C 185 8.49 -8.32 -8.36
CA PRO C 185 8.38 -7.91 -9.75
C PRO C 185 9.38 -6.85 -10.19
N TYR C 186 9.23 -6.36 -11.41
CA TYR C 186 10.05 -5.27 -11.90
C TYR C 186 9.64 -4.00 -11.14
N ALA C 187 10.36 -3.71 -10.06
CA ALA C 187 10.00 -2.61 -9.18
C ALA C 187 10.80 -1.37 -9.51
N SER C 188 10.52 -0.80 -10.68
CA SER C 188 11.18 0.43 -11.10
C SER C 188 10.19 1.27 -11.87
N PHE C 189 10.21 2.57 -11.61
CA PHE C 189 9.29 3.52 -12.22
C PHE C 189 9.61 3.75 -13.69
N GLN C 190 10.89 3.81 -14.00
CA GLN C 190 11.36 4.00 -15.36
C GLN C 190 11.28 2.71 -16.16
N GLU C 191 11.53 2.81 -17.46
CA GLU C 191 11.74 1.62 -18.28
C GLU C 191 13.09 0.98 -17.91
N ALA C 192 13.38 -0.14 -18.56
CA ALA C 192 14.40 -1.13 -18.16
C ALA C 192 15.61 -0.66 -17.35
N TYR C 193 15.90 -1.41 -16.28
CA TYR C 193 16.86 -1.07 -15.23
C TYR C 193 18.24 -0.72 -15.77
N ASP C 194 18.72 0.47 -15.41
CA ASP C 194 20.00 0.97 -15.92
C ASP C 194 21.17 0.31 -15.19
N LEU C 195 21.97 -0.45 -15.93
CA LEU C 195 23.10 -1.19 -15.36
C LEU C 195 24.38 -0.37 -15.25
N VAL C 196 24.53 0.64 -16.09
CA VAL C 196 25.75 1.45 -16.17
C VAL C 196 25.46 2.82 -15.58
N THR C 197 26.43 3.36 -14.84
CA THR C 197 26.34 4.67 -14.18
C THR C 197 25.15 4.71 -13.21
N GLY C 198 25.30 3.96 -12.13
CA GLY C 198 24.42 4.10 -10.97
C GLY C 198 24.03 2.81 -10.29
N THR C 199 24.14 2.81 -8.95
CA THR C 199 23.46 1.81 -8.13
C THR C 199 22.06 2.33 -7.84
N GLU C 200 21.07 1.47 -8.07
CA GLU C 200 19.66 1.86 -8.12
C GLU C 200 18.84 0.97 -7.19
N ASP C 201 19.12 1.10 -5.90
CA ASP C 201 18.55 0.25 -4.86
C ASP C 201 17.06 0.52 -4.74
N PHE C 202 16.29 -0.25 -5.51
CA PHE C 202 14.87 0.02 -5.70
C PHE C 202 13.96 -0.64 -4.68
N VAL C 203 14.14 -1.94 -4.45
CA VAL C 203 13.32 -2.68 -3.50
C VAL C 203 14.21 -3.27 -2.43
N GLN C 204 13.82 -3.11 -1.17
CA GLN C 204 14.51 -3.69 -0.02
C GLN C 204 13.76 -4.91 0.46
N LEU C 205 14.50 -5.96 0.81
CA LEU C 205 13.91 -7.21 1.28
C LEU C 205 14.31 -7.45 2.73
N TYR C 206 13.32 -7.53 3.61
CA TYR C 206 13.53 -7.68 5.04
C TYR C 206 13.02 -9.01 5.55
N LEU C 207 13.53 -9.44 6.71
CA LEU C 207 13.11 -10.67 7.35
C LEU C 207 12.85 -10.39 8.83
N PHE C 208 11.59 -10.45 9.23
CA PHE C 208 11.19 -10.03 10.57
C PHE C 208 10.79 -11.23 11.43
N PRO C 209 11.14 -11.20 12.73
CA PRO C 209 10.59 -12.18 13.66
C PRO C 209 9.22 -11.74 14.20
N ILE C 210 8.20 -12.54 13.98
CA ILE C 210 6.90 -12.29 14.61
C ILE C 210 6.96 -12.75 16.07
N THR C 211 7.33 -14.00 16.26
CA THR C 211 7.53 -14.62 17.58
C THR C 211 9.01 -14.87 17.80
N PRO C 212 9.47 -14.86 19.06
CA PRO C 212 10.87 -15.25 19.29
C PRO C 212 11.05 -16.76 19.09
N VAL C 213 12.31 -17.18 19.04
CA VAL C 213 12.61 -18.58 18.80
C VAL C 213 12.29 -19.37 20.07
N LEU C 214 11.35 -20.30 19.96
CA LEU C 214 10.81 -21.01 21.12
C LEU C 214 11.52 -22.33 21.32
N GLY C 215 12.73 -22.25 21.88
CA GLY C 215 13.54 -23.42 22.17
C GLY C 215 13.46 -23.80 23.63
N PRO C 216 13.90 -25.03 23.96
CA PRO C 216 13.92 -25.42 25.37
C PRO C 216 15.02 -24.70 26.16
N LYS C 217 14.85 -24.70 27.47
CA LYS C 217 15.76 -23.98 28.37
C LYS C 217 17.02 -24.76 28.73
N SER C 218 17.25 -25.91 28.08
CA SER C 218 18.47 -26.67 28.30
C SER C 218 19.60 -26.06 27.49
N GLU C 219 20.52 -25.39 28.19
CA GLU C 219 21.68 -24.78 27.54
C GLU C 219 22.73 -25.84 27.18
N SER C 220 23.80 -25.41 26.51
CA SER C 220 24.89 -26.27 26.02
C SER C 220 24.43 -27.36 25.04
N GLU C 221 23.28 -27.15 24.40
CA GLU C 221 22.78 -28.03 23.35
C GLU C 221 22.39 -27.26 22.07
N SER C 222 22.31 -25.92 22.16
CA SER C 222 22.20 -25.04 21.01
C SER C 222 20.95 -25.30 20.16
N SER C 223 19.81 -24.92 20.73
CA SER C 223 18.60 -24.66 19.94
C SER C 223 18.92 -23.58 18.91
N LYS C 224 18.46 -23.78 17.68
CA LYS C 224 19.07 -23.12 16.55
C LYS C 224 18.10 -23.13 15.38
N VAL C 225 18.26 -22.18 14.46
CA VAL C 225 17.31 -21.96 13.38
C VAL C 225 17.94 -22.21 12.00
N ASP C 226 19.02 -21.49 11.70
CA ASP C 226 19.88 -21.77 10.55
C ASP C 226 19.17 -21.65 9.19
N ILE C 227 18.89 -20.41 8.81
CA ILE C 227 18.22 -20.05 7.55
C ILE C 227 19.27 -19.88 6.44
N SER C 228 18.90 -20.22 5.20
CA SER C 228 19.73 -19.97 4.01
C SER C 228 18.90 -19.33 2.90
N VAL C 229 19.54 -18.50 2.09
CA VAL C 229 18.86 -17.66 1.12
C VAL C 229 19.39 -17.92 -0.30
N TYR C 230 18.46 -18.14 -1.22
CA TYR C 230 18.75 -18.32 -2.63
C TYR C 230 17.99 -17.32 -3.47
N MET C 231 18.66 -16.69 -4.43
CA MET C 231 18.02 -15.72 -5.32
C MET C 231 18.48 -15.89 -6.76
N TRP C 232 17.59 -15.58 -7.68
CA TRP C 232 17.87 -15.60 -9.10
C TRP C 232 16.87 -14.71 -9.82
N LEU C 233 17.06 -14.52 -11.12
CA LEU C 233 16.24 -13.60 -11.91
C LEU C 233 15.28 -14.35 -12.82
N SER C 234 14.25 -13.66 -13.27
CA SER C 234 13.27 -14.21 -14.21
C SER C 234 12.58 -13.10 -14.97
N ASN C 235 11.99 -13.45 -16.12
CA ASN C 235 11.47 -12.48 -17.11
C ASN C 235 12.54 -11.48 -17.53
N ILE C 236 13.59 -11.98 -18.15
CA ILE C 236 14.79 -11.19 -18.38
C ILE C 236 14.80 -10.64 -19.81
N SER C 237 15.14 -9.35 -19.93
CA SER C 237 15.37 -8.71 -21.21
C SER C 237 16.62 -7.85 -21.05
N LEU C 238 17.59 -8.05 -21.93
CA LEU C 238 18.92 -7.46 -21.79
C LEU C 238 19.34 -7.00 -23.20
N VAL C 239 19.28 -5.69 -23.44
CA VAL C 239 19.08 -5.17 -24.78
C VAL C 239 20.27 -4.42 -25.40
N ILE C 240 20.62 -3.27 -24.86
CA ILE C 240 21.46 -2.34 -25.62
C ILE C 240 22.94 -2.51 -25.29
N PRO C 241 23.79 -2.75 -26.32
CA PRO C 241 25.22 -2.90 -26.08
C PRO C 241 25.97 -1.60 -25.84
N THR C 242 26.76 -1.57 -24.77
CA THR C 242 27.69 -0.47 -24.53
C THR C 242 29.08 -1.03 -24.34
N TYR C 243 30.05 -0.12 -24.16
CA TYR C 243 31.43 -0.51 -23.86
C TYR C 243 31.81 -0.26 -22.40
N ARG C 244 30.88 0.29 -21.62
CA ARG C 244 31.18 0.71 -20.26
C ARG C 244 30.62 -0.25 -19.23
N ILE C 245 31.18 -0.18 -18.04
CA ILE C 245 30.69 -0.93 -16.90
C ILE C 245 30.99 -0.14 -15.63
N ASN C 246 30.07 -0.21 -14.67
CA ASN C 246 30.16 0.64 -13.49
C ASN C 246 31.30 0.20 -12.54
N PRO C 247 31.86 1.16 -11.79
CA PRO C 247 32.83 0.79 -10.75
C PRO C 247 32.14 0.35 -9.45
N THR D 1 -34.69 3.29 -18.05
CA THR D 1 -34.94 2.07 -17.24
C THR D 1 -34.59 2.24 -15.76
N SER D 2 -34.36 3.48 -15.33
CA SER D 2 -34.13 3.80 -13.94
C SER D 2 -35.19 4.81 -13.51
N GLU D 3 -35.81 4.56 -12.36
CA GLU D 3 -36.92 5.40 -11.90
C GLU D 3 -36.40 6.70 -11.31
N ASN D 4 -36.71 7.81 -11.97
CA ASN D 4 -36.22 9.12 -11.56
C ASN D 4 -37.09 10.20 -12.22
N PRO D 5 -37.65 11.15 -11.44
CA PRO D 5 -38.44 12.21 -12.05
C PRO D 5 -37.65 13.33 -12.73
N LYS D 6 -36.35 13.41 -12.50
CA LYS D 6 -35.51 14.27 -13.34
C LYS D 6 -35.36 13.63 -14.69
N ILE D 7 -35.55 14.43 -15.73
CA ILE D 7 -35.16 14.02 -17.07
C ILE D 7 -33.64 13.92 -17.13
N GLY D 8 -33.14 13.02 -17.99
CA GLY D 8 -31.82 12.38 -17.93
C GLY D 8 -30.85 12.76 -16.84
N PRO D 9 -30.50 11.82 -15.93
CA PRO D 9 -30.00 12.21 -14.61
C PRO D 9 -28.63 12.87 -14.51
N ILE D 10 -27.58 12.24 -15.03
CA ILE D 10 -26.20 12.81 -15.00
C ILE D 10 -25.28 11.97 -15.90
N SER D 11 -24.23 12.59 -16.44
CA SER D 11 -22.94 11.93 -16.77
C SER D 11 -23.03 10.52 -17.35
N GLU D 12 -23.42 10.46 -18.62
CA GLU D 12 -23.76 9.21 -19.31
C GLU D 12 -22.65 8.15 -19.26
N VAL D 13 -23.00 6.96 -18.78
CA VAL D 13 -22.02 5.98 -18.28
C VAL D 13 -21.70 4.89 -19.29
N ALA D 14 -20.48 4.35 -19.19
CA ALA D 14 -20.00 3.24 -20.03
C ALA D 14 -20.26 1.90 -19.30
N SER D 15 -19.64 0.82 -19.77
CA SER D 15 -19.84 -0.51 -19.18
C SER D 15 -18.53 -1.13 -18.70
N GLY D 16 -18.62 -2.24 -17.97
CA GLY D 16 -17.47 -2.85 -17.30
C GLY D 16 -17.36 -4.36 -17.36
N VAL D 17 -17.29 -4.99 -16.19
CA VAL D 17 -16.98 -6.43 -16.04
C VAL D 17 -18.15 -7.19 -15.44
N LYS D 18 -17.97 -8.50 -15.27
CA LYS D 18 -19.00 -9.37 -14.68
C LYS D 18 -18.46 -10.03 -13.41
N THR D 19 -18.83 -9.43 -12.27
CA THR D 19 -18.42 -9.87 -10.93
C THR D 19 -19.21 -9.07 -9.91
N THR D 20 -18.95 -9.32 -8.63
CA THR D 20 -19.42 -8.43 -7.56
C THR D 20 -18.33 -7.39 -7.32
N ALA D 21 -18.74 -6.17 -7.02
CA ALA D 21 -17.82 -5.04 -7.07
C ALA D 21 -16.93 -4.93 -5.83
N ASN D 22 -17.41 -5.45 -4.70
CA ASN D 22 -16.57 -5.70 -3.52
C ASN D 22 -16.61 -7.20 -3.21
N GLY D 23 -16.05 -7.62 -2.07
CA GLY D 23 -16.03 -9.04 -1.73
C GLY D 23 -15.04 -9.81 -2.60
N ILE D 24 -13.80 -9.85 -2.13
CA ILE D 24 -12.56 -10.15 -2.89
C ILE D 24 -12.68 -11.17 -4.01
N GLU D 25 -12.40 -10.75 -5.25
CA GLU D 25 -12.34 -11.69 -6.36
C GLU D 25 -11.26 -11.30 -7.37
N ARG D 26 -10.34 -10.42 -6.98
CA ARG D 26 -9.29 -9.91 -7.87
C ARG D 26 -9.86 -9.32 -9.16
N ILE D 27 -10.44 -8.13 -9.01
CA ILE D 27 -11.07 -7.41 -10.11
C ILE D 27 -9.98 -7.01 -11.11
N PRO D 28 -10.07 -7.44 -12.38
CA PRO D 28 -9.09 -6.98 -13.36
C PRO D 28 -9.29 -5.50 -13.72
N VAL D 29 -8.19 -4.82 -14.02
CA VAL D 29 -8.23 -3.39 -14.28
C VAL D 29 -8.50 -3.09 -15.75
N ILE D 30 -8.01 -3.95 -16.63
CA ILE D 30 -8.13 -3.74 -18.06
C ILE D 30 -9.60 -3.88 -18.50
N GLY D 31 -10.37 -4.69 -17.77
CA GLY D 31 -11.79 -4.84 -18.01
C GLY D 31 -12.70 -3.71 -17.54
N GLU D 32 -12.22 -2.86 -16.63
CA GLU D 32 -13.07 -1.85 -15.99
C GLU D 32 -13.44 -0.73 -16.95
N ILE D 33 -12.43 -0.03 -17.45
CA ILE D 33 -12.63 0.93 -18.53
C ILE D 33 -12.22 0.24 -19.82
N ALA D 34 -12.87 0.59 -20.91
CA ALA D 34 -12.66 -0.11 -22.17
C ALA D 34 -11.94 0.72 -23.23
N LYS D 35 -10.82 1.33 -22.85
CA LYS D 35 -10.04 2.18 -23.77
C LYS D 35 -8.60 1.69 -23.95
N PRO D 36 -8.40 0.69 -24.80
CA PRO D 36 -7.02 0.33 -25.19
C PRO D 36 -6.52 1.23 -26.33
N VAL D 37 -5.37 0.89 -26.90
CA VAL D 37 -4.81 1.67 -28.00
C VAL D 37 -5.61 1.33 -29.25
N THR D 38 -6.68 2.09 -29.48
CA THR D 38 -7.61 1.81 -30.57
C THR D 38 -8.42 3.06 -30.87
N THR D 39 -9.48 2.91 -31.65
CA THR D 39 -10.38 3.99 -32.00
C THR D 39 -11.42 4.18 -30.89
N ALA D 40 -10.95 4.42 -29.67
CA ALA D 40 -11.84 4.57 -28.53
C ALA D 40 -11.36 5.57 -27.47
N VAL D 41 -10.41 6.45 -27.80
CA VAL D 41 -9.97 7.46 -26.85
C VAL D 41 -10.15 8.88 -27.39
N LYS D 42 -10.57 8.96 -28.66
CA LYS D 42 -10.90 10.21 -29.35
C LYS D 42 -9.71 11.08 -29.80
N TRP D 43 -8.55 10.94 -29.18
CA TRP D 43 -7.39 11.67 -29.70
C TRP D 43 -6.51 10.79 -30.60
N PHE D 44 -6.49 9.50 -30.34
CA PHE D 44 -5.93 8.53 -31.26
C PHE D 44 -6.95 8.20 -32.36
N ALA D 45 -8.23 8.38 -32.07
CA ALA D 45 -9.27 8.16 -33.07
C ALA D 45 -9.30 9.29 -34.11
N ASP D 46 -8.87 10.48 -33.72
CA ASP D 46 -8.80 11.60 -34.66
C ASP D 46 -7.61 11.54 -35.58
N VAL D 47 -6.57 10.79 -35.22
CA VAL D 47 -5.53 10.47 -36.17
C VAL D 47 -5.31 8.96 -36.24
N VAL D 48 -6.26 8.30 -36.91
CA VAL D 48 -6.09 6.94 -37.39
C VAL D 48 -6.66 6.60 -38.79
N GLY D 49 -7.81 7.12 -39.29
CA GLY D 49 -8.70 8.20 -38.80
C GLY D 49 -8.56 9.46 -39.64
N THR D 50 -7.76 10.40 -39.14
CA THR D 50 -7.32 11.60 -39.85
C THR D 50 -8.52 12.48 -40.23
N VAL D 51 -9.14 13.04 -39.19
CA VAL D 51 -10.15 14.06 -39.33
C VAL D 51 -9.48 15.39 -39.63
N ALA D 52 -10.26 16.37 -40.05
CA ALA D 52 -9.73 17.66 -40.47
C ALA D 52 -9.26 18.54 -39.31
N ALA D 53 -9.72 18.26 -38.09
CA ALA D 53 -9.41 19.10 -36.93
C ALA D 53 -8.00 18.92 -36.38
N ILE D 54 -7.31 17.84 -36.74
CA ILE D 54 -5.90 17.67 -36.32
C ILE D 54 -4.94 18.49 -37.16
N PHE D 55 -5.42 19.05 -38.27
CA PHE D 55 -4.63 19.87 -39.17
C PHE D 55 -4.86 21.38 -39.01
N GLY D 56 -5.64 21.76 -38.00
CA GLY D 56 -6.09 23.11 -37.82
C GLY D 56 -7.24 23.58 -38.70
N TRP D 57 -7.77 22.75 -39.58
CA TRP D 57 -8.87 23.18 -40.45
C TRP D 57 -10.25 22.80 -39.91
#